data_6YBH
#
_entry.id   6YBH
#
_cell.length_a   190.929
_cell.length_b   190.929
_cell.length_c   115.461
_cell.angle_alpha   90.000
_cell.angle_beta   90.000
_cell.angle_gamma   120.000
#
_symmetry.space_group_name_H-M   'H 3'
#
loop_
_entity.id
_entity.type
_entity.pdbx_description
1 polymer 'Deoxynucleoside kinase'
2 non-polymer Pyrrolo-dC
3 non-polymer 'SULFATE ION'
4 non-polymer GLYCEROL
5 water water
#
_entity_poly.entity_id   1
_entity_poly.type   'polypeptide(L)'
_entity_poly.pdbx_seq_one_letter_code
;MKYAEGTRPFTILIEGNIGSGKTTYLNHFEKYKDDICLLTEPVEKWRNVNGVNLLELMYKDPKKWAMPFVSYVTLTMLQM
HTQPTNKKVKIMERSIFSARYCFVENMRRNGWLEQGMYNTLEEWYKFIEESIHIQADLIIYLRTSPEVAYERIRKRGRPE
EKNVPLEYLQQLHQLHEDWLIHQRRPQSCKVLVLDADLNLENIGTEYQRSESSIFDAISSNQQP
;
_entity_poly.pdbx_strand_id   A,B,C,D,E,F
#
# COMPACT_ATOMS: atom_id res chain seq x y z
N MET A 1 -39.51 2.05 -30.73
CA MET A 1 -40.26 2.47 -29.53
C MET A 1 -39.43 2.02 -28.30
N LYS A 2 -39.65 2.62 -27.12
CA LYS A 2 -39.06 2.14 -25.85
C LYS A 2 -40.08 1.20 -25.18
N TYR A 3 -39.61 0.34 -24.27
CA TYR A 3 -40.46 -0.47 -23.38
C TYR A 3 -41.38 0.48 -22.60
N ALA A 4 -42.62 0.06 -22.42
CA ALA A 4 -43.58 0.63 -21.46
C ALA A 4 -43.81 2.13 -21.68
N GLU A 5 -43.71 2.61 -22.93
CA GLU A 5 -44.11 4.01 -23.32
C GLU A 5 -45.54 4.30 -22.90
N GLY A 6 -46.34 3.28 -22.57
CA GLY A 6 -47.74 3.46 -22.16
C GLY A 6 -47.89 3.95 -20.73
N THR A 7 -46.92 3.63 -19.87
CA THR A 7 -46.88 4.12 -18.47
C THR A 7 -46.49 5.60 -18.51
N ARG A 8 -47.48 6.50 -18.46
CA ARG A 8 -47.29 7.96 -18.65
C ARG A 8 -47.99 8.79 -17.57
N PRO A 9 -48.20 8.28 -16.33
CA PRO A 9 -48.87 9.08 -15.31
C PRO A 9 -47.94 10.23 -14.87
N PHE A 10 -48.50 11.27 -14.29
CA PHE A 10 -47.68 12.41 -13.81
C PHE A 10 -46.80 11.84 -12.71
N THR A 11 -45.51 11.72 -12.97
CA THR A 11 -44.61 10.94 -12.10
C THR A 11 -43.67 11.86 -11.32
N ILE A 12 -43.78 11.79 -9.99
CA ILE A 12 -43.02 12.62 -9.03
C ILE A 12 -42.03 11.72 -8.28
N LEU A 13 -40.77 12.16 -8.30
CA LEU A 13 -39.60 11.49 -7.71
C LEU A 13 -39.22 12.23 -6.44
N ILE A 14 -39.28 11.53 -5.29
CA ILE A 14 -38.80 12.03 -3.98
C ILE A 14 -37.32 11.61 -3.82
N GLU A 15 -36.46 12.60 -3.68
CA GLU A 15 -34.99 12.45 -3.60
C GLU A 15 -34.47 13.14 -2.33
N GLY A 16 -33.39 12.60 -1.75
CA GLY A 16 -32.76 13.16 -0.53
C GLY A 16 -31.79 12.19 0.06
N ASN A 17 -31.02 12.68 1.02
CA ASN A 17 -29.97 11.91 1.70
C ASN A 17 -30.69 10.86 2.55
N ILE A 18 -29.96 9.87 3.01
CA ILE A 18 -30.41 9.00 4.12
C ILE A 18 -30.68 9.95 5.27
N GLY A 19 -31.85 9.88 5.88
CA GLY A 19 -32.17 10.75 7.02
C GLY A 19 -32.81 12.07 6.65
N SER A 20 -33.34 12.22 5.43
CA SER A 20 -33.91 13.53 4.99
C SER A 20 -35.41 13.58 5.32
N GLY A 21 -35.97 12.51 5.88
CA GLY A 21 -37.41 12.43 6.22
C GLY A 21 -38.26 11.97 5.04
N LYS A 22 -37.70 11.18 4.13
CA LYS A 22 -38.44 10.74 2.91
C LYS A 22 -39.62 9.86 3.31
N THR A 23 -39.46 8.98 4.31
CA THR A 23 -40.52 8.03 4.72
C THR A 23 -41.70 8.83 5.30
N THR A 24 -41.43 9.84 6.12
CA THR A 24 -42.48 10.72 6.69
C THR A 24 -43.22 11.42 5.56
N TYR A 25 -42.47 12.09 4.65
CA TYR A 25 -43.01 12.87 3.52
C TYR A 25 -43.93 11.98 2.66
N LEU A 26 -43.43 10.84 2.18
CA LEU A 26 -44.25 9.84 1.44
C LEU A 26 -45.53 9.40 2.21
N ASN A 27 -45.44 9.20 3.53
CA ASN A 27 -46.58 8.64 4.31
C ASN A 27 -47.76 9.62 4.23
N HIS A 28 -47.49 10.93 4.12
CA HIS A 28 -48.53 11.99 4.07
C HIS A 28 -49.35 11.89 2.77
N PHE A 29 -48.91 11.17 1.75
CA PHE A 29 -49.68 10.97 0.50
C PHE A 29 -50.63 9.77 0.64
N GLU A 30 -50.51 9.00 1.73
CA GLU A 30 -51.26 7.72 1.93
C GLU A 30 -52.75 8.01 1.84
N LYS A 31 -53.21 9.17 2.32
CA LYS A 31 -54.66 9.51 2.24
C LYS A 31 -55.13 9.60 0.78
N TYR A 32 -54.21 9.67 -0.19
CA TYR A 32 -54.49 9.87 -1.64
C TYR A 32 -54.32 8.54 -2.38
N LYS A 33 -54.17 7.43 -1.66
CA LYS A 33 -53.86 6.09 -2.24
C LYS A 33 -54.82 5.72 -3.39
N ASP A 34 -56.07 6.17 -3.34
CA ASP A 34 -57.10 5.79 -4.34
C ASP A 34 -56.81 6.48 -5.68
N ASP A 35 -56.09 7.61 -5.70
CA ASP A 35 -55.90 8.46 -6.92
C ASP A 35 -54.41 8.60 -7.27
N ILE A 36 -53.50 8.18 -6.38
CA ILE A 36 -52.02 8.22 -6.61
C ILE A 36 -51.47 6.80 -6.49
N CYS A 37 -50.62 6.42 -7.42
CA CYS A 37 -49.76 5.22 -7.36
C CYS A 37 -48.53 5.55 -6.50
N LEU A 38 -48.57 5.16 -5.23
CA LEU A 38 -47.57 5.45 -4.19
C LEU A 38 -46.60 4.28 -4.11
N LEU A 39 -45.32 4.49 -4.44
CA LEU A 39 -44.30 3.42 -4.50
C LEU A 39 -43.11 3.79 -3.61
N THR A 40 -42.99 3.15 -2.47
CA THR A 40 -41.93 3.43 -1.46
C THR A 40 -40.70 2.59 -1.79
N GLU A 41 -39.58 2.88 -1.16
CA GLU A 41 -38.30 2.22 -1.45
C GLU A 41 -38.49 0.74 -1.25
N PRO A 42 -38.16 -0.10 -2.22
CA PRO A 42 -38.38 -1.54 -2.08
C PRO A 42 -37.20 -2.17 -1.31
N VAL A 43 -36.97 -1.68 -0.10
CA VAL A 43 -35.94 -2.21 0.85
C VAL A 43 -36.17 -3.73 1.02
N GLU A 44 -37.42 -4.16 1.17
CA GLU A 44 -37.83 -5.58 1.42
C GLU A 44 -37.33 -6.50 0.30
N LYS A 45 -37.45 -6.10 -0.97
CA LYS A 45 -36.81 -6.87 -2.06
C LYS A 45 -35.28 -6.94 -1.90
N TRP A 46 -34.64 -5.89 -1.38
CA TRP A 46 -33.15 -5.86 -1.25
C TRP A 46 -32.75 -6.80 -0.09
N ARG A 47 -33.57 -6.89 0.97
CA ARG A 47 -33.44 -7.84 2.11
C ARG A 47 -33.86 -9.31 1.79
N ASN A 48 -34.22 -9.69 0.55
CA ASN A 48 -34.58 -11.11 0.20
C ASN A 48 -34.56 -11.32 -1.34
N VAL A 49 -33.42 -11.69 -1.90
CA VAL A 49 -33.28 -11.85 -3.38
C VAL A 49 -33.23 -13.34 -3.71
N ASN A 50 -34.42 -13.98 -3.76
CA ASN A 50 -34.61 -15.44 -3.83
C ASN A 50 -33.82 -16.08 -2.68
N GLY A 51 -33.91 -15.52 -1.47
CA GLY A 51 -33.31 -16.10 -0.23
C GLY A 51 -32.23 -15.22 0.37
N VAL A 52 -31.39 -14.63 -0.48
CA VAL A 52 -30.21 -13.82 -0.08
C VAL A 52 -30.66 -12.43 0.35
N ASN A 53 -30.04 -11.86 1.40
CA ASN A 53 -30.24 -10.46 1.85
C ASN A 53 -29.07 -9.60 1.33
N LEU A 54 -29.29 -8.77 0.30
CA LEU A 54 -28.20 -8.00 -0.39
C LEU A 54 -27.84 -6.75 0.42
N LEU A 55 -28.75 -6.19 1.21
CA LEU A 55 -28.52 -4.86 1.84
C LEU A 55 -27.48 -5.07 2.93
N GLU A 56 -27.68 -6.13 3.74
CA GLU A 56 -26.81 -6.53 4.88
C GLU A 56 -25.38 -6.63 4.35
N LEU A 57 -25.20 -7.54 3.39
CA LEU A 57 -23.93 -7.90 2.71
C LEU A 57 -23.24 -6.66 2.15
N MET A 58 -24.00 -5.66 1.69
CA MET A 58 -23.40 -4.44 1.11
C MET A 58 -22.81 -3.57 2.22
N TYR A 59 -23.57 -3.32 3.29
CA TYR A 59 -23.11 -2.52 4.46
C TYR A 59 -22.08 -3.34 5.27
N LYS A 60 -22.15 -4.68 5.25
CA LYS A 60 -21.08 -5.53 5.86
C LYS A 60 -19.81 -5.36 5.00
N ASP A 61 -19.83 -5.80 3.75
CA ASP A 61 -18.64 -5.90 2.87
C ASP A 61 -18.92 -5.18 1.54
N PRO A 62 -18.93 -3.82 1.52
CA PRO A 62 -19.30 -3.07 0.32
C PRO A 62 -18.41 -3.39 -0.87
N LYS A 63 -17.11 -3.66 -0.66
CA LYS A 63 -16.11 -3.85 -1.74
C LYS A 63 -16.56 -5.03 -2.63
N LYS A 64 -17.08 -6.10 -2.04
CA LYS A 64 -17.50 -7.32 -2.75
C LYS A 64 -18.91 -7.13 -3.35
N TRP A 65 -19.85 -6.65 -2.53
CA TRP A 65 -21.30 -6.68 -2.81
C TRP A 65 -21.77 -5.40 -3.48
N ALA A 66 -20.89 -4.45 -3.78
CA ALA A 66 -21.35 -3.16 -4.32
C ALA A 66 -21.95 -3.39 -5.72
N MET A 67 -21.26 -4.14 -6.57
CA MET A 67 -21.65 -4.32 -8.00
C MET A 67 -23.03 -4.97 -8.02
N PRO A 68 -23.18 -6.19 -7.46
CA PRO A 68 -24.49 -6.84 -7.34
C PRO A 68 -25.63 -6.00 -6.73
N PHE A 69 -25.40 -5.50 -5.51
CA PHE A 69 -26.38 -4.67 -4.76
C PHE A 69 -26.94 -3.57 -5.66
N VAL A 70 -26.07 -2.80 -6.32
CA VAL A 70 -26.45 -1.56 -7.06
C VAL A 70 -27.10 -1.99 -8.38
N SER A 71 -26.67 -3.12 -8.94
CA SER A 71 -27.29 -3.73 -10.15
C SER A 71 -28.73 -4.15 -9.83
N TYR A 72 -28.96 -4.88 -8.75
CA TYR A 72 -30.33 -5.28 -8.33
C TYR A 72 -31.15 -4.04 -7.94
N VAL A 73 -30.57 -3.13 -7.15
CA VAL A 73 -31.27 -1.90 -6.73
C VAL A 73 -31.77 -1.22 -8.01
N THR A 74 -30.90 -1.19 -9.03
CA THR A 74 -31.23 -0.51 -10.31
C THR A 74 -32.46 -1.20 -10.90
N LEU A 75 -32.47 -2.52 -10.85
CA LEU A 75 -33.59 -3.32 -11.44
C LEU A 75 -34.87 -2.94 -10.71
N THR A 76 -34.89 -3.00 -9.39
CA THR A 76 -36.10 -2.69 -8.58
C THR A 76 -36.63 -1.28 -8.86
N MET A 77 -35.75 -0.29 -9.08
CA MET A 77 -36.18 1.08 -9.43
C MET A 77 -36.80 1.05 -10.84
N LEU A 78 -36.23 0.34 -11.77
CA LEU A 78 -36.80 0.19 -13.14
C LEU A 78 -38.21 -0.43 -13.06
N GLN A 79 -38.45 -1.35 -12.12
CA GLN A 79 -39.76 -2.03 -11.99
C GLN A 79 -40.78 -1.02 -11.51
N MET A 80 -40.40 -0.10 -10.61
CA MET A 80 -41.31 0.98 -10.16
C MET A 80 -41.54 1.95 -11.30
N HIS A 81 -40.49 2.40 -12.00
CA HIS A 81 -40.64 3.40 -13.07
C HIS A 81 -41.67 2.87 -14.09
N THR A 82 -41.53 1.60 -14.49
CA THR A 82 -42.28 0.98 -15.63
C THR A 82 -43.60 0.35 -15.16
N GLN A 83 -43.85 0.31 -13.85
CA GLN A 83 -45.10 -0.24 -13.32
C GLN A 83 -46.26 0.58 -13.85
N PRO A 84 -47.22 -0.09 -14.55
CA PRO A 84 -48.43 0.56 -15.06
C PRO A 84 -49.42 0.91 -13.94
N THR A 85 -50.31 1.86 -14.21
CA THR A 85 -51.34 2.31 -13.24
C THR A 85 -52.45 3.04 -14.00
N ASN A 86 -53.69 2.90 -13.51
CA ASN A 86 -54.89 3.66 -13.98
C ASN A 86 -54.96 5.01 -13.23
N LYS A 87 -54.14 5.23 -12.22
CA LYS A 87 -54.12 6.52 -11.50
C LYS A 87 -53.33 7.57 -12.31
N LYS A 88 -53.64 8.85 -12.16
CA LYS A 88 -53.10 9.93 -13.03
C LYS A 88 -51.76 10.41 -12.47
N VAL A 89 -51.43 10.08 -11.22
CA VAL A 89 -50.20 10.49 -10.53
C VAL A 89 -49.54 9.23 -9.96
N LYS A 90 -48.25 9.09 -10.27
CA LYS A 90 -47.30 8.19 -9.58
C LYS A 90 -46.31 9.05 -8.79
N ILE A 91 -46.09 8.67 -7.53
CA ILE A 91 -45.05 9.19 -6.60
C ILE A 91 -44.15 8.02 -6.16
N MET A 92 -42.85 8.15 -6.45
CA MET A 92 -41.80 7.14 -6.22
C MET A 92 -40.81 7.69 -5.19
N GLU A 93 -40.43 6.86 -4.23
CA GLU A 93 -39.31 7.16 -3.31
C GLU A 93 -38.00 6.81 -4.00
N ARG A 94 -37.25 7.83 -4.41
CA ARG A 94 -35.97 7.68 -5.15
C ARG A 94 -36.25 7.13 -6.54
N SER A 95 -35.19 6.90 -7.31
CA SER A 95 -35.26 6.66 -8.76
C SER A 95 -34.02 5.94 -9.24
N ILE A 96 -34.01 5.50 -10.50
CA ILE A 96 -32.77 5.04 -11.18
C ILE A 96 -31.77 6.22 -11.21
N PHE A 97 -32.25 7.46 -11.18
CA PHE A 97 -31.38 8.65 -11.36
C PHE A 97 -30.54 8.88 -10.09
N SER A 98 -31.12 8.69 -8.90
CA SER A 98 -30.35 8.70 -7.62
C SER A 98 -29.39 7.50 -7.57
N ALA A 99 -29.82 6.35 -8.07
CA ALA A 99 -28.95 5.16 -8.14
C ALA A 99 -27.71 5.53 -8.95
N ARG A 100 -27.90 6.08 -10.14
CA ARG A 100 -26.79 6.35 -11.07
C ARG A 100 -25.92 7.50 -10.58
N TYR A 101 -26.52 8.66 -10.33
CA TYR A 101 -25.81 9.96 -10.10
C TYR A 101 -25.32 10.11 -8.67
N CYS A 102 -25.94 9.44 -7.71
CA CYS A 102 -25.57 9.51 -6.27
C CYS A 102 -24.92 8.20 -5.81
N PHE A 103 -25.66 7.10 -5.71
CA PHE A 103 -25.14 5.90 -5.00
C PHE A 103 -24.02 5.21 -5.78
N VAL A 104 -24.09 5.12 -7.11
CA VAL A 104 -23.08 4.39 -7.94
C VAL A 104 -21.80 5.22 -7.98
N GLU A 105 -21.98 6.52 -8.17
CA GLU A 105 -20.89 7.50 -8.19
C GLU A 105 -20.18 7.43 -6.83
N ASN A 106 -20.92 7.41 -5.73
CA ASN A 106 -20.34 7.40 -4.37
C ASN A 106 -19.54 6.11 -4.15
N MET A 107 -20.02 4.98 -4.64
CA MET A 107 -19.32 3.68 -4.50
C MET A 107 -18.04 3.66 -5.34
N ARG A 108 -18.07 4.18 -6.56
CA ARG A 108 -16.85 4.38 -7.36
C ARG A 108 -15.86 5.24 -6.58
N ARG A 109 -16.28 6.40 -6.03
CA ARG A 109 -15.39 7.40 -5.38
C ARG A 109 -14.71 6.74 -4.17
N ASN A 110 -15.45 5.92 -3.43
CA ASN A 110 -15.01 5.18 -2.22
C ASN A 110 -14.27 3.87 -2.61
N GLY A 111 -14.02 3.60 -3.90
CA GLY A 111 -13.22 2.42 -4.32
C GLY A 111 -13.97 1.07 -4.17
N TRP A 112 -15.28 1.06 -3.91
CA TRP A 112 -16.08 -0.19 -3.90
C TRP A 112 -16.46 -0.66 -5.31
N LEU A 113 -16.37 0.19 -6.31
CA LEU A 113 -16.47 -0.22 -7.73
C LEU A 113 -15.14 0.18 -8.32
N GLU A 114 -14.43 -0.76 -8.95
CA GLU A 114 -13.26 -0.39 -9.78
C GLU A 114 -13.76 0.20 -11.10
N GLN A 115 -12.88 0.88 -11.82
CA GLN A 115 -13.20 1.60 -13.08
C GLN A 115 -13.97 0.63 -13.99
N GLY A 116 -13.47 -0.59 -14.17
CA GLY A 116 -14.11 -1.65 -14.98
C GLY A 116 -15.60 -1.78 -14.69
N MET A 117 -15.95 -1.93 -13.42
CA MET A 117 -17.34 -2.11 -12.92
C MET A 117 -18.17 -0.85 -13.20
N TYR A 118 -17.64 0.32 -12.88
CA TYR A 118 -18.29 1.64 -13.06
C TYR A 118 -18.63 1.81 -14.53
N ASN A 119 -17.64 1.60 -15.43
CA ASN A 119 -17.80 1.73 -16.90
C ASN A 119 -18.94 0.80 -17.41
N THR A 120 -18.93 -0.46 -17.00
CA THR A 120 -19.99 -1.48 -17.32
C THR A 120 -21.34 -0.93 -16.85
N LEU A 121 -21.44 -0.38 -15.65
CA LEU A 121 -22.73 0.11 -15.13
C LEU A 121 -23.19 1.31 -15.96
N GLU A 122 -22.25 2.18 -16.35
CA GLU A 122 -22.54 3.38 -17.15
C GLU A 122 -23.05 2.96 -18.54
N GLU A 123 -22.43 1.95 -19.15
CA GLU A 123 -22.86 1.46 -20.48
C GLU A 123 -24.30 0.97 -20.37
N TRP A 124 -24.64 0.25 -19.31
CA TRP A 124 -26.02 -0.22 -19.05
C TRP A 124 -26.99 0.93 -18.81
N TYR A 125 -26.61 1.92 -18.02
CA TYR A 125 -27.48 3.10 -17.80
C TYR A 125 -27.77 3.75 -19.16
N LYS A 126 -26.78 3.82 -20.04
CA LYS A 126 -26.96 4.49 -21.37
C LYS A 126 -27.92 3.63 -22.19
N PHE A 127 -27.75 2.31 -22.14
CA PHE A 127 -28.64 1.37 -22.84
C PHE A 127 -30.04 1.48 -22.24
N ILE A 128 -30.16 1.55 -20.92
CA ILE A 128 -31.49 1.66 -20.27
C ILE A 128 -32.20 2.96 -20.70
N GLU A 129 -31.44 4.05 -20.80
CA GLU A 129 -31.98 5.37 -21.24
C GLU A 129 -32.56 5.20 -22.64
N GLU A 130 -31.82 4.52 -23.52
CA GLU A 130 -32.21 4.29 -24.94
C GLU A 130 -33.42 3.35 -25.05
N SER A 131 -33.55 2.37 -24.17
CA SER A 131 -34.45 1.20 -24.39
C SER A 131 -35.73 1.30 -23.56
N ILE A 132 -35.70 1.97 -22.42
CA ILE A 132 -36.83 1.89 -21.45
C ILE A 132 -37.37 3.30 -21.25
N HIS A 133 -38.69 3.46 -21.37
CA HIS A 133 -39.37 4.75 -21.07
C HIS A 133 -39.44 4.94 -19.56
N ILE A 134 -38.89 6.07 -19.10
CA ILE A 134 -38.90 6.45 -17.68
C ILE A 134 -39.58 7.82 -17.59
N GLN A 135 -40.85 7.82 -17.24
CA GLN A 135 -41.63 9.04 -16.96
C GLN A 135 -41.00 9.77 -15.75
N ALA A 136 -40.51 10.99 -15.95
CA ALA A 136 -40.04 11.86 -14.85
C ALA A 136 -40.51 13.30 -15.11
N ASP A 137 -41.55 13.75 -14.39
CA ASP A 137 -42.21 15.06 -14.59
C ASP A 137 -41.74 16.07 -13.55
N LEU A 138 -41.42 15.61 -12.33
CA LEU A 138 -41.13 16.50 -11.17
C LEU A 138 -40.18 15.76 -10.21
N ILE A 139 -39.20 16.46 -9.66
CA ILE A 139 -38.43 15.94 -8.51
C ILE A 139 -38.73 16.83 -7.32
N ILE A 140 -39.08 16.25 -6.17
CA ILE A 140 -39.10 16.98 -4.88
C ILE A 140 -37.84 16.58 -4.11
N TYR A 141 -36.94 17.54 -3.94
CA TYR A 141 -35.64 17.37 -3.26
C TYR A 141 -35.81 17.73 -1.78
N LEU A 142 -35.75 16.73 -0.91
CA LEU A 142 -35.76 16.90 0.56
C LEU A 142 -34.32 17.21 0.96
N ARG A 143 -33.95 18.47 0.84
CA ARG A 143 -32.59 18.99 1.12
C ARG A 143 -32.34 19.09 2.62
N THR A 144 -31.21 18.57 3.07
CA THR A 144 -30.74 18.65 4.47
C THR A 144 -29.29 19.08 4.51
N SER A 145 -28.85 19.57 5.65
CA SER A 145 -27.40 19.55 6.01
C SER A 145 -27.06 18.15 6.49
N PRO A 146 -25.90 17.60 6.10
CA PRO A 146 -25.47 16.27 6.56
C PRO A 146 -25.62 16.01 8.06
N GLU A 147 -25.36 17.02 8.88
CA GLU A 147 -25.34 16.93 10.37
C GLU A 147 -26.78 16.65 10.87
N VAL A 148 -27.77 17.34 10.31
CA VAL A 148 -29.17 17.10 10.74
C VAL A 148 -29.59 15.67 10.37
N ALA A 149 -29.15 15.16 9.20
CA ALA A 149 -29.50 13.83 8.69
C ALA A 149 -28.78 12.78 9.54
N TYR A 150 -27.55 13.07 9.96
CA TYR A 150 -26.72 12.19 10.84
C TYR A 150 -27.51 11.95 12.14
N GLU A 151 -27.86 13.05 12.80
CA GLU A 151 -28.68 13.06 14.03
C GLU A 151 -29.93 12.21 13.83
N ARG A 152 -30.70 12.41 12.73
CA ARG A 152 -31.97 11.66 12.50
C ARG A 152 -31.67 10.16 12.47
N ILE A 153 -30.59 9.76 11.82
CA ILE A 153 -30.19 8.34 11.68
C ILE A 153 -29.93 7.74 13.06
N ARG A 154 -29.25 8.50 13.93
CA ARG A 154 -28.92 8.09 15.33
C ARG A 154 -30.24 7.86 16.08
N LYS A 155 -31.16 8.83 16.04
CA LYS A 155 -32.46 8.79 16.77
C LYS A 155 -33.28 7.55 16.35
N ARG A 156 -33.16 7.05 15.11
CA ARG A 156 -33.88 5.85 14.60
C ARG A 156 -33.19 4.54 15.05
N GLY A 157 -31.86 4.42 14.85
CA GLY A 157 -31.10 3.17 15.04
C GLY A 157 -31.50 2.06 14.07
N ARG A 158 -32.05 2.38 12.90
CA ARG A 158 -32.42 1.40 11.84
C ARG A 158 -31.21 0.48 11.57
N PRO A 159 -31.24 -0.83 11.97
CA PRO A 159 -30.03 -1.65 12.07
C PRO A 159 -28.97 -1.42 10.99
N GLU A 160 -29.32 -1.46 9.71
CA GLU A 160 -28.31 -1.35 8.63
C GLU A 160 -27.63 0.03 8.71
N GLU A 161 -28.40 1.09 8.94
CA GLU A 161 -27.98 2.52 8.80
C GLU A 161 -27.10 2.99 9.96
N LYS A 162 -27.28 2.40 11.14
CA LYS A 162 -26.75 2.88 12.44
C LYS A 162 -25.28 3.35 12.30
N ASN A 163 -24.44 2.61 11.58
CA ASN A 163 -22.97 2.78 11.57
C ASN A 163 -22.53 3.67 10.42
N VAL A 164 -23.47 4.21 9.65
CA VAL A 164 -23.08 5.11 8.53
C VAL A 164 -22.40 6.36 9.12
N PRO A 165 -21.15 6.66 8.73
CA PRO A 165 -20.45 7.83 9.24
C PRO A 165 -20.98 9.09 8.58
N LEU A 166 -20.77 10.22 9.26
CA LEU A 166 -21.12 11.58 8.78
C LEU A 166 -20.48 11.82 7.42
N GLU A 167 -19.22 11.41 7.27
CA GLU A 167 -18.48 11.62 6.00
C GLU A 167 -19.24 10.97 4.82
N TYR A 168 -19.88 9.83 5.03
CA TYR A 168 -20.68 9.19 3.97
C TYR A 168 -21.88 10.09 3.59
N LEU A 169 -22.57 10.64 4.58
CA LEU A 169 -23.73 11.52 4.39
C LEU A 169 -23.31 12.78 3.65
N GLN A 170 -22.14 13.34 3.97
CA GLN A 170 -21.58 14.53 3.31
C GLN A 170 -21.35 14.21 1.85
N GLN A 171 -20.75 13.05 1.60
CA GLN A 171 -20.46 12.61 0.21
C GLN A 171 -21.77 12.57 -0.59
N LEU A 172 -22.83 11.99 -0.04
CA LEU A 172 -24.10 11.80 -0.74
C LEU A 172 -24.80 13.17 -0.84
N HIS A 173 -24.62 14.02 0.17
CA HIS A 173 -25.10 15.41 0.13
C HIS A 173 -24.51 16.09 -1.11
N GLN A 174 -23.21 16.02 -1.31
CA GLN A 174 -22.56 16.77 -2.41
C GLN A 174 -23.01 16.18 -3.76
N LEU A 175 -23.30 14.88 -3.80
CA LEU A 175 -23.76 14.27 -5.07
C LEU A 175 -25.18 14.73 -5.38
N HIS A 176 -26.04 14.88 -4.36
CA HIS A 176 -27.39 15.42 -4.56
C HIS A 176 -27.30 16.89 -5.00
N GLU A 177 -26.44 17.70 -4.35
CA GLU A 177 -26.21 19.12 -4.73
C GLU A 177 -25.79 19.19 -6.20
N ASP A 178 -24.85 18.35 -6.62
CA ASP A 178 -24.29 18.38 -8.00
C ASP A 178 -25.35 18.02 -9.03
N TRP A 179 -26.30 17.17 -8.65
CA TRP A 179 -27.37 16.71 -9.55
C TRP A 179 -28.60 17.63 -9.52
N LEU A 180 -29.08 18.01 -8.34
CA LEU A 180 -30.41 18.66 -8.16
C LEU A 180 -30.32 20.19 -7.98
N ILE A 181 -29.16 20.74 -7.62
CA ILE A 181 -28.96 22.22 -7.52
C ILE A 181 -28.02 22.66 -8.65
N HIS A 182 -26.88 22.01 -8.80
CA HIS A 182 -25.80 22.43 -9.72
C HIS A 182 -26.07 21.98 -11.16
N GLN A 183 -26.89 20.98 -11.43
CA GLN A 183 -27.15 20.56 -12.84
C GLN A 183 -25.90 20.14 -13.59
N ARG A 184 -25.03 19.38 -12.93
CA ARG A 184 -23.85 18.75 -13.55
C ARG A 184 -24.20 17.37 -14.15
N ARG A 185 -25.44 16.89 -13.97
CA ARG A 185 -25.94 15.62 -14.56
C ARG A 185 -27.00 15.95 -15.61
N PRO A 186 -27.20 15.09 -16.63
CA PRO A 186 -28.29 15.29 -17.58
C PRO A 186 -29.65 15.31 -16.87
N GLN A 187 -30.33 16.44 -16.95
CA GLN A 187 -31.55 16.68 -16.16
C GLN A 187 -32.75 16.60 -17.09
N SER A 188 -33.64 15.70 -16.72
CA SER A 188 -34.88 15.33 -17.44
C SER A 188 -35.97 16.32 -17.05
N CYS A 189 -36.04 16.75 -15.78
CA CYS A 189 -37.21 17.55 -15.29
C CYS A 189 -36.84 18.57 -14.23
N LYS A 190 -37.85 19.37 -13.90
CA LYS A 190 -37.80 20.40 -12.85
C LYS A 190 -37.69 19.75 -11.46
N VAL A 191 -37.07 20.51 -10.58
CA VAL A 191 -36.86 20.19 -9.14
C VAL A 191 -37.45 21.30 -8.26
N LEU A 192 -38.30 20.91 -7.30
CA LEU A 192 -38.76 21.74 -6.17
C LEU A 192 -37.95 21.28 -4.95
N VAL A 193 -37.54 22.22 -4.09
CA VAL A 193 -36.68 21.95 -2.91
C VAL A 193 -37.50 22.23 -1.66
N LEU A 194 -37.54 21.27 -0.76
CA LEU A 194 -38.01 21.45 0.62
C LEU A 194 -36.80 21.62 1.53
N ASP A 195 -36.95 22.43 2.58
CA ASP A 195 -35.93 22.54 3.65
C ASP A 195 -36.22 21.39 4.61
N ALA A 196 -35.59 20.24 4.40
CA ALA A 196 -35.88 19.01 5.17
C ALA A 196 -35.02 18.99 6.46
N ASP A 197 -34.26 20.05 6.75
CA ASP A 197 -33.81 20.35 8.14
C ASP A 197 -35.06 20.55 9.03
N LEU A 198 -36.15 21.12 8.52
CA LEU A 198 -37.43 21.32 9.27
C LEU A 198 -38.17 19.99 9.34
N ASN A 199 -39.11 19.84 10.28
CA ASN A 199 -40.03 18.68 10.37
C ASN A 199 -41.14 18.89 9.31
N LEU A 200 -41.43 17.86 8.55
CA LEU A 200 -42.34 17.89 7.39
C LEU A 200 -43.60 17.09 7.75
N GLU A 201 -43.77 16.74 9.02
CA GLU A 201 -44.87 15.89 9.52
C GLU A 201 -46.20 16.46 9.00
N ASN A 202 -46.33 17.78 9.02
CA ASN A 202 -47.60 18.53 8.81
C ASN A 202 -47.61 19.25 7.46
N ILE A 203 -46.74 18.88 6.53
CA ILE A 203 -46.62 19.62 5.25
C ILE A 203 -47.88 19.35 4.41
N GLY A 204 -48.43 20.37 3.75
CA GLY A 204 -49.55 20.15 2.81
C GLY A 204 -50.89 20.14 3.52
N THR A 205 -50.93 20.24 4.86
CA THR A 205 -52.17 20.03 5.66
C THR A 205 -53.10 21.25 5.59
N GLU A 206 -52.67 22.40 5.06
CA GLU A 206 -53.63 23.47 4.64
C GLU A 206 -54.62 22.88 3.62
N TYR A 207 -54.22 21.87 2.83
CA TYR A 207 -55.08 21.23 1.80
C TYR A 207 -55.80 20.06 2.45
N GLN A 208 -57.13 19.98 2.43
CA GLN A 208 -57.83 18.81 3.01
C GLN A 208 -58.71 18.18 1.93
N ARG A 209 -58.80 16.85 1.92
CA ARG A 209 -59.69 16.11 1.00
C ARG A 209 -61.13 16.51 1.29
N SER A 210 -61.94 16.83 0.27
CA SER A 210 -63.38 17.16 0.43
C SER A 210 -64.09 15.98 1.12
N GLU A 211 -63.65 14.75 0.87
CA GLU A 211 -64.28 13.55 1.44
C GLU A 211 -63.99 13.47 2.95
N SER A 212 -63.12 14.33 3.49
CA SER A 212 -62.75 14.35 4.93
C SER A 212 -64.00 14.56 5.81
N SER A 213 -64.06 13.86 6.95
CA SER A 213 -65.14 13.97 7.98
C SER A 213 -65.16 15.38 8.59
N ILE A 214 -64.09 16.18 8.47
CA ILE A 214 -64.07 17.61 8.92
C ILE A 214 -65.09 18.46 8.10
N PHE A 215 -65.57 17.99 6.93
CA PHE A 215 -66.59 18.72 6.13
C PHE A 215 -67.93 17.95 6.16
N ASP A 216 -68.07 16.97 7.05
CA ASP A 216 -69.37 16.30 7.36
C ASP A 216 -70.25 17.32 8.10
N ALA A 217 -71.57 17.24 7.92
CA ALA A 217 -72.58 18.23 8.37
C ALA A 217 -72.60 18.32 9.91
N MET B 1 16.01 -20.62 27.54
CA MET B 1 15.59 -19.28 28.01
C MET B 1 14.80 -18.61 26.85
N LYS B 2 14.01 -17.57 27.13
CA LYS B 2 13.29 -16.75 26.14
C LYS B 2 14.20 -15.59 25.71
N TYR B 3 13.92 -15.01 24.53
CA TYR B 3 14.59 -13.78 24.04
C TYR B 3 14.45 -12.62 25.05
N ALA B 4 15.50 -11.84 25.23
CA ALA B 4 15.47 -10.57 25.97
C ALA B 4 14.93 -10.76 27.40
N GLU B 5 15.35 -11.81 28.11
CA GLU B 5 15.05 -12.03 29.56
C GLU B 5 15.70 -10.95 30.43
N GLY B 6 16.70 -10.26 29.90
CA GLY B 6 17.42 -9.15 30.57
C GLY B 6 16.63 -7.84 30.60
N THR B 7 15.57 -7.69 29.78
CA THR B 7 14.71 -6.47 29.76
C THR B 7 13.66 -6.67 30.85
N ARG B 8 13.93 -6.15 32.04
CA ARG B 8 13.17 -6.49 33.27
C ARG B 8 12.90 -5.22 34.09
N PRO B 9 12.65 -4.04 33.47
CA PRO B 9 12.25 -2.86 34.23
C PRO B 9 10.80 -3.01 34.68
N PHE B 10 10.38 -2.25 35.68
CA PHE B 10 8.97 -2.29 36.17
C PHE B 10 8.13 -1.78 35.00
N THR B 11 7.34 -2.66 34.38
CA THR B 11 6.66 -2.36 33.11
C THR B 11 5.17 -2.16 33.34
N ILE B 12 4.68 -0.93 33.05
CA ILE B 12 3.26 -0.53 33.20
C ILE B 12 2.66 -0.38 31.80
N LEU B 13 1.55 -1.08 31.59
CA LEU B 13 0.76 -1.11 30.34
C LEU B 13 -0.45 -0.21 30.53
N ILE B 14 -0.61 0.79 29.67
CA ILE B 14 -1.77 1.73 29.61
C ILE B 14 -2.76 1.19 28.56
N GLU B 15 -3.90 0.71 29.02
CA GLU B 15 -4.94 0.09 28.19
C GLU B 15 -6.23 0.90 28.28
N GLY B 16 -6.95 0.99 27.17
CA GLY B 16 -8.24 1.69 27.07
C GLY B 16 -8.80 1.65 25.68
N ASN B 17 -10.06 2.06 25.54
CA ASN B 17 -10.75 2.14 24.24
C ASN B 17 -10.07 3.26 23.47
N ILE B 18 -10.38 3.33 22.19
CA ILE B 18 -10.14 4.58 21.40
C ILE B 18 -10.91 5.71 22.09
N GLY B 19 -10.27 6.87 22.29
CA GLY B 19 -10.88 8.05 22.93
C GLY B 19 -10.97 7.96 24.44
N SER B 20 -10.14 7.14 25.10
CA SER B 20 -10.20 6.93 26.56
C SER B 20 -9.28 7.91 27.29
N GLY B 21 -8.56 8.79 26.58
CA GLY B 21 -7.60 9.75 27.19
C GLY B 21 -6.17 9.19 27.31
N LYS B 22 -5.82 8.12 26.61
CA LYS B 22 -4.50 7.50 26.84
C LYS B 22 -3.37 8.50 26.51
N THR B 23 -3.48 9.24 25.43
CA THR B 23 -2.42 10.18 24.99
C THR B 23 -2.17 11.19 26.11
N THR B 24 -3.22 11.84 26.58
CA THR B 24 -3.18 12.82 27.68
C THR B 24 -2.48 12.17 28.86
N TYR B 25 -3.02 11.04 29.35
CA TYR B 25 -2.52 10.33 30.55
C TYR B 25 -1.02 10.04 30.37
N LEU B 26 -0.62 9.58 29.18
CA LEU B 26 0.79 9.30 28.85
C LEU B 26 1.63 10.59 28.84
N ASN B 27 1.12 11.68 28.29
CA ASN B 27 1.88 12.95 28.19
C ASN B 27 2.23 13.43 29.60
N HIS B 28 1.42 13.18 30.61
CA HIS B 28 1.67 13.67 31.99
C HIS B 28 2.95 13.02 32.57
N PHE B 29 3.40 11.89 32.07
CA PHE B 29 4.60 11.17 32.58
C PHE B 29 5.87 11.73 31.92
N GLU B 30 5.70 12.58 30.89
CA GLU B 30 6.82 13.14 30.09
C GLU B 30 7.81 13.83 31.05
N LYS B 31 7.33 14.50 32.09
CA LYS B 31 8.20 15.15 33.11
C LYS B 31 9.14 14.12 33.77
N TYR B 32 8.88 12.81 33.65
CA TYR B 32 9.70 11.76 34.32
C TYR B 32 10.55 11.03 33.29
N LYS B 33 10.71 11.61 32.09
CA LYS B 33 11.37 10.92 30.93
C LYS B 33 12.83 10.52 31.27
N ASP B 34 13.47 11.15 32.25
CA ASP B 34 14.88 10.89 32.60
C ASP B 34 14.96 9.59 33.39
N ASP B 35 13.87 9.23 34.08
CA ASP B 35 13.80 8.10 35.03
C ASP B 35 12.91 7.01 34.45
N ILE B 36 12.03 7.34 33.49
CA ILE B 36 11.02 6.41 32.89
C ILE B 36 11.30 6.25 31.39
N CYS B 37 11.31 5.04 30.87
CA CYS B 37 11.31 4.74 29.41
C CYS B 37 9.88 4.82 28.89
N LEU B 38 9.53 5.90 28.23
CA LEU B 38 8.12 6.24 27.92
C LEU B 38 7.83 5.86 26.48
N LEU B 39 6.91 4.91 26.23
CA LEU B 39 6.74 4.32 24.88
C LEU B 39 5.29 4.48 24.40
N THR B 40 5.03 5.50 23.59
CA THR B 40 3.66 5.83 23.08
C THR B 40 3.35 4.93 21.89
N GLU B 41 2.10 4.92 21.42
CA GLU B 41 1.65 4.00 20.35
C GLU B 41 2.45 4.30 19.09
N PRO B 42 3.08 3.30 18.45
CA PRO B 42 3.94 3.54 17.28
C PRO B 42 3.04 3.64 16.04
N VAL B 43 2.12 4.61 16.05
CA VAL B 43 1.14 4.87 14.96
C VAL B 43 1.91 5.24 13.70
N GLU B 44 2.94 6.09 13.85
CA GLU B 44 3.79 6.57 12.75
C GLU B 44 4.45 5.39 12.04
N LYS B 45 4.90 4.35 12.77
CA LYS B 45 5.40 3.12 12.09
C LYS B 45 4.27 2.44 11.29
N TRP B 46 3.00 2.55 11.73
CA TRP B 46 1.84 1.86 11.09
C TRP B 46 1.38 2.65 9.84
N ARG B 47 1.58 3.98 9.86
CA ARG B 47 1.41 4.89 8.68
C ARG B 47 2.54 4.77 7.63
N ASN B 48 3.61 4.01 7.84
CA ASN B 48 4.75 3.93 6.88
C ASN B 48 5.55 2.64 7.07
N VAL B 49 5.21 1.56 6.37
CA VAL B 49 5.91 0.24 6.53
C VAL B 49 6.81 -0.03 5.32
N ASN B 50 8.01 0.59 5.35
CA ASN B 50 8.94 0.72 4.19
C ASN B 50 8.15 1.37 3.03
N GLY B 51 7.41 2.45 3.28
CA GLY B 51 6.67 3.17 2.23
C GLY B 51 5.17 3.14 2.42
N VAL B 52 4.63 1.96 2.70
CA VAL B 52 3.16 1.67 2.64
C VAL B 52 2.51 2.18 3.93
N ASN B 53 1.38 2.88 3.82
CA ASN B 53 0.56 3.23 5.01
C ASN B 53 -0.40 2.05 5.23
N LEU B 54 -0.23 1.26 6.31
CA LEU B 54 -1.13 0.11 6.66
C LEU B 54 -2.36 0.62 7.40
N LEU B 55 -2.22 1.61 8.25
CA LEU B 55 -3.36 2.06 9.09
C LEU B 55 -4.51 2.44 8.14
N GLU B 56 -4.23 3.19 7.05
CA GLU B 56 -5.25 3.69 6.09
C GLU B 56 -5.95 2.49 5.46
N LEU B 57 -5.14 1.71 4.73
CA LEU B 57 -5.49 0.45 4.03
C LEU B 57 -6.32 -0.46 4.93
N MET B 58 -6.32 -0.27 6.26
CA MET B 58 -7.07 -1.12 7.22
C MET B 58 -8.47 -0.52 7.45
N TYR B 59 -8.56 0.78 7.73
CA TYR B 59 -9.86 1.48 8.00
C TYR B 59 -10.60 1.65 6.67
N LYS B 60 -9.88 1.79 5.55
CA LYS B 60 -10.44 1.72 4.17
C LYS B 60 -11.05 0.33 3.90
N ASP B 61 -10.27 -0.76 3.87
CA ASP B 61 -10.76 -2.11 3.45
C ASP B 61 -10.32 -3.16 4.48
N PRO B 62 -10.91 -3.15 5.69
CA PRO B 62 -10.43 -4.01 6.77
C PRO B 62 -10.45 -5.50 6.45
N LYS B 63 -11.24 -5.97 5.49
CA LYS B 63 -11.34 -7.42 5.20
C LYS B 63 -10.03 -7.92 4.56
N LYS B 64 -9.38 -7.12 3.74
CA LYS B 64 -8.15 -7.52 3.02
C LYS B 64 -6.95 -7.29 3.95
N TRP B 65 -6.94 -6.17 4.68
CA TRP B 65 -5.73 -5.63 5.35
C TRP B 65 -5.68 -5.95 6.86
N ALA B 66 -6.70 -6.60 7.43
CA ALA B 66 -6.77 -6.86 8.89
C ALA B 66 -5.62 -7.79 9.27
N MET B 67 -5.39 -8.82 8.46
CA MET B 67 -4.33 -9.82 8.70
C MET B 67 -2.98 -9.13 8.71
N PRO B 68 -2.52 -8.55 7.58
CA PRO B 68 -1.26 -7.82 7.58
C PRO B 68 -1.13 -6.78 8.69
N PHE B 69 -2.15 -5.94 8.82
CA PHE B 69 -2.12 -4.79 9.77
C PHE B 69 -1.91 -5.31 11.19
N VAL B 70 -2.61 -6.37 11.58
CA VAL B 70 -2.59 -6.76 13.01
C VAL B 70 -1.28 -7.51 13.27
N SER B 71 -0.76 -8.20 12.26
CA SER B 71 0.59 -8.83 12.26
C SER B 71 1.65 -7.76 12.47
N TYR B 72 1.62 -6.68 11.69
CA TYR B 72 2.65 -5.65 11.86
C TYR B 72 2.47 -4.92 13.21
N VAL B 73 1.25 -4.56 13.59
CA VAL B 73 1.02 -3.89 14.91
C VAL B 73 1.64 -4.77 16.02
N THR B 74 1.38 -6.09 15.96
CA THR B 74 1.82 -7.07 16.98
C THR B 74 3.34 -6.97 17.07
N LEU B 75 4.03 -6.90 15.92
CA LEU B 75 5.51 -6.79 15.84
C LEU B 75 5.92 -5.54 16.58
N THR B 76 5.33 -4.41 16.21
CA THR B 76 5.74 -3.12 16.81
C THR B 76 5.54 -3.17 18.31
N MET B 77 4.51 -3.86 18.81
CA MET B 77 4.26 -3.96 20.26
C MET B 77 5.37 -4.81 20.87
N LEU B 78 5.75 -5.87 20.20
CA LEU B 78 6.79 -6.83 20.64
C LEU B 78 8.13 -6.09 20.69
N GLN B 79 8.36 -5.12 19.79
CA GLN B 79 9.60 -4.30 19.80
C GLN B 79 9.61 -3.37 21.01
N MET B 80 8.47 -2.79 21.40
CA MET B 80 8.36 -1.95 22.61
C MET B 80 8.61 -2.78 23.88
N HIS B 81 7.99 -3.96 23.95
CA HIS B 81 8.07 -4.90 25.09
C HIS B 81 9.53 -5.32 25.34
N THR B 82 10.27 -5.62 24.28
CA THR B 82 11.63 -6.19 24.37
C THR B 82 12.66 -5.07 24.40
N GLN B 83 12.28 -3.83 24.09
CA GLN B 83 13.24 -2.73 23.97
C GLN B 83 13.99 -2.62 25.30
N PRO B 84 15.35 -2.72 25.31
CA PRO B 84 16.14 -2.61 26.54
C PRO B 84 16.19 -1.17 27.06
N THR B 85 16.44 -0.99 28.37
CA THR B 85 16.59 0.36 28.97
C THR B 85 17.36 0.29 30.30
N ASN B 86 18.14 1.34 30.61
CA ASN B 86 18.87 1.50 31.89
C ASN B 86 17.93 2.06 32.95
N LYS B 87 16.78 2.60 32.53
CA LYS B 87 15.72 3.12 33.44
C LYS B 87 15.05 1.96 34.18
N LYS B 88 14.49 2.24 35.34
CA LYS B 88 13.97 1.25 36.30
C LYS B 88 12.47 1.02 36.03
N VAL B 89 11.82 1.95 35.31
CA VAL B 89 10.38 1.89 34.93
C VAL B 89 10.27 2.07 33.41
N LYS B 90 9.52 1.19 32.75
CA LYS B 90 8.97 1.38 31.38
C LYS B 90 7.44 1.52 31.45
N ILE B 91 6.87 2.53 30.80
CA ILE B 91 5.40 2.75 30.61
C ILE B 91 5.10 2.69 29.11
N MET B 92 4.20 1.77 28.72
CA MET B 92 3.78 1.49 27.31
C MET B 92 2.33 1.89 27.07
N GLU B 93 2.09 2.56 25.97
CA GLU B 93 0.72 2.70 25.45
C GLU B 93 0.30 1.41 24.73
N ARG B 94 -0.69 0.70 25.30
CA ARG B 94 -1.19 -0.59 24.83
C ARG B 94 -0.07 -1.65 24.88
N SER B 95 -0.34 -2.84 24.34
CA SER B 95 0.50 -4.04 24.48
C SER B 95 0.11 -5.05 23.41
N ILE B 96 0.87 -6.12 23.31
CA ILE B 96 0.51 -7.32 22.52
C ILE B 96 -0.74 -7.97 23.13
N PHE B 97 -1.04 -7.71 24.41
CA PHE B 97 -2.21 -8.31 25.11
C PHE B 97 -3.50 -7.69 24.58
N SER B 98 -3.53 -6.37 24.40
CA SER B 98 -4.69 -5.66 23.79
C SER B 98 -4.80 -6.04 22.32
N ALA B 99 -3.69 -6.15 21.60
CA ALA B 99 -3.74 -6.63 20.20
C ALA B 99 -4.53 -7.95 20.16
N ARG B 100 -4.25 -8.89 21.05
CA ARG B 100 -4.73 -10.28 20.92
C ARG B 100 -6.14 -10.43 21.49
N TYR B 101 -6.37 -9.88 22.68
CA TYR B 101 -7.62 -10.05 23.45
C TYR B 101 -8.63 -9.00 23.03
N CYS B 102 -8.23 -7.86 22.43
CA CYS B 102 -9.17 -6.82 22.00
C CYS B 102 -9.22 -6.71 20.46
N PHE B 103 -8.21 -6.12 19.83
CA PHE B 103 -8.27 -5.76 18.38
C PHE B 103 -8.40 -6.99 17.48
N VAL B 104 -7.61 -8.03 17.68
CA VAL B 104 -7.70 -9.28 16.85
C VAL B 104 -9.05 -9.94 17.12
N GLU B 105 -9.48 -9.96 18.36
CA GLU B 105 -10.75 -10.63 18.71
C GLU B 105 -11.89 -9.86 18.00
N ASN B 106 -11.81 -8.54 17.99
CA ASN B 106 -12.86 -7.72 17.36
C ASN B 106 -12.87 -7.98 15.86
N MET B 107 -11.69 -8.11 15.26
CA MET B 107 -11.60 -8.28 13.81
C MET B 107 -12.17 -9.66 13.42
N ARG B 108 -12.01 -10.67 14.26
CA ARG B 108 -12.67 -11.97 14.02
C ARG B 108 -14.19 -11.77 14.12
N ARG B 109 -14.69 -11.18 15.22
CA ARG B 109 -16.14 -11.04 15.46
C ARG B 109 -16.77 -10.36 14.23
N ASN B 110 -16.08 -9.38 13.62
CA ASN B 110 -16.60 -8.51 12.53
C ASN B 110 -16.38 -9.12 11.14
N GLY B 111 -15.85 -10.34 11.05
CA GLY B 111 -15.71 -11.08 9.79
C GLY B 111 -14.50 -10.62 8.98
N TRP B 112 -13.61 -9.79 9.52
CA TRP B 112 -12.40 -9.30 8.79
C TRP B 112 -11.26 -10.34 8.86
N LEU B 113 -11.27 -11.26 9.81
CA LEU B 113 -10.36 -12.41 9.85
C LEU B 113 -11.25 -13.63 9.80
N GLU B 114 -11.17 -14.45 8.75
CA GLU B 114 -11.78 -15.79 8.77
C GLU B 114 -11.10 -16.68 9.81
N GLN B 115 -11.78 -17.77 10.15
CA GLN B 115 -11.40 -18.72 11.24
C GLN B 115 -9.93 -19.13 11.05
N GLY B 116 -9.54 -19.44 9.81
CA GLY B 116 -8.17 -19.85 9.46
C GLY B 116 -7.11 -18.81 9.78
N MET B 117 -7.37 -17.52 9.56
CA MET B 117 -6.41 -16.43 9.81
C MET B 117 -6.22 -16.21 11.31
N TYR B 118 -7.32 -16.15 12.06
CA TYR B 118 -7.35 -16.00 13.54
C TYR B 118 -6.65 -17.18 14.20
N ASN B 119 -6.96 -18.43 13.82
CA ASN B 119 -6.29 -19.66 14.37
C ASN B 119 -4.76 -19.55 14.21
N THR B 120 -4.29 -19.10 13.04
CA THR B 120 -2.87 -18.79 12.75
C THR B 120 -2.33 -17.73 13.71
N LEU B 121 -3.06 -16.65 13.91
CA LEU B 121 -2.61 -15.58 14.83
C LEU B 121 -2.55 -16.09 16.29
N GLU B 122 -3.52 -16.90 16.72
CA GLU B 122 -3.55 -17.49 18.09
C GLU B 122 -2.36 -18.43 18.26
N GLU B 123 -2.09 -19.29 17.28
CA GLU B 123 -0.90 -20.18 17.31
C GLU B 123 0.39 -19.33 17.46
N TRP B 124 0.52 -18.23 16.71
CA TRP B 124 1.68 -17.32 16.81
C TRP B 124 1.78 -16.68 18.20
N TYR B 125 0.69 -16.11 18.74
CA TYR B 125 0.64 -15.56 20.13
C TYR B 125 1.18 -16.61 21.11
N LYS B 126 0.72 -17.86 21.03
CA LYS B 126 1.13 -18.93 21.98
C LYS B 126 2.64 -19.15 21.86
N PHE B 127 3.16 -19.15 20.62
CA PHE B 127 4.60 -19.32 20.39
C PHE B 127 5.39 -18.11 20.94
N ILE B 128 4.87 -16.92 20.74
CA ILE B 128 5.51 -15.66 21.24
C ILE B 128 5.59 -15.71 22.78
N GLU B 129 4.50 -16.10 23.44
CA GLU B 129 4.44 -16.37 24.90
C GLU B 129 5.59 -17.33 25.28
N GLU B 130 5.77 -18.41 24.55
CA GLU B 130 6.78 -19.47 24.80
C GLU B 130 8.20 -18.96 24.47
N SER B 131 8.37 -18.02 23.55
CA SER B 131 9.71 -17.71 22.98
C SER B 131 10.25 -16.34 23.45
N ILE B 132 9.37 -15.40 23.77
CA ILE B 132 9.81 -13.98 23.95
C ILE B 132 9.49 -13.57 25.38
N HIS B 133 10.47 -13.02 26.08
CA HIS B 133 10.21 -12.48 27.43
C HIS B 133 9.40 -11.19 27.27
N ILE B 134 8.24 -11.09 27.95
CA ILE B 134 7.36 -9.88 27.98
C ILE B 134 7.11 -9.51 29.45
N GLN B 135 7.91 -8.57 29.98
CA GLN B 135 7.67 -7.97 31.30
C GLN B 135 6.31 -7.26 31.31
N ALA B 136 5.44 -7.65 32.25
CA ALA B 136 4.16 -6.95 32.50
C ALA B 136 3.88 -6.96 34.02
N ASP B 137 4.15 -5.86 34.73
CA ASP B 137 4.03 -5.73 36.20
C ASP B 137 2.69 -5.09 36.61
N LEU B 138 2.11 -4.22 35.78
CA LEU B 138 0.90 -3.43 36.11
C LEU B 138 0.18 -3.03 34.81
N ILE B 139 -1.14 -3.17 34.80
CA ILE B 139 -2.02 -2.50 33.81
C ILE B 139 -2.73 -1.34 34.51
N ILE B 140 -2.72 -0.18 33.86
CA ILE B 140 -3.66 0.92 34.17
C ILE B 140 -4.70 0.92 33.08
N TYR B 141 -5.95 0.67 33.48
CA TYR B 141 -7.16 0.64 32.62
C TYR B 141 -7.87 2.00 32.76
N LEU B 142 -7.79 2.80 31.68
CA LEU B 142 -8.60 4.03 31.44
C LEU B 142 -9.97 3.60 30.94
N ARG B 143 -10.83 3.30 31.88
CA ARG B 143 -12.19 2.72 31.67
C ARG B 143 -13.18 3.82 31.28
N THR B 144 -13.86 3.71 30.14
CA THR B 144 -14.85 4.74 29.71
C THR B 144 -16.19 4.06 29.43
N SER B 145 -17.25 4.84 29.38
CA SER B 145 -18.51 4.42 28.70
C SER B 145 -18.33 4.70 27.22
N PRO B 146 -18.77 3.83 26.30
CA PRO B 146 -18.51 4.05 24.87
C PRO B 146 -19.00 5.41 24.37
N GLU B 147 -20.09 5.91 24.92
CA GLU B 147 -20.71 7.21 24.55
C GLU B 147 -19.67 8.30 24.80
N VAL B 148 -18.99 8.32 25.94
CA VAL B 148 -17.99 9.39 26.25
C VAL B 148 -16.81 9.28 25.29
N ALA B 149 -16.38 8.06 24.98
CA ALA B 149 -15.21 7.83 24.11
C ALA B 149 -15.59 8.28 22.70
N TYR B 150 -16.83 8.02 22.30
CA TYR B 150 -17.39 8.44 20.98
C TYR B 150 -17.28 9.98 20.81
N GLU B 151 -17.79 10.72 21.79
CA GLU B 151 -17.73 12.21 21.83
C GLU B 151 -16.27 12.66 21.74
N ARG B 152 -15.33 12.02 22.46
CA ARG B 152 -13.92 12.47 22.48
C ARG B 152 -13.34 12.35 21.06
N ILE B 153 -13.70 11.28 20.35
CA ILE B 153 -13.24 10.95 18.97
C ILE B 153 -13.72 12.04 18.00
N ARG B 154 -14.98 12.48 18.12
CA ARG B 154 -15.62 13.45 17.18
C ARG B 154 -15.14 14.86 17.48
N LYS B 155 -14.77 15.17 18.72
CA LYS B 155 -14.17 16.50 19.10
C LYS B 155 -12.72 16.59 18.60
N ARG B 156 -11.93 15.50 18.64
CA ARG B 156 -10.65 15.36 17.89
C ARG B 156 -11.01 15.21 16.39
N GLY B 157 -10.14 15.61 15.47
CA GLY B 157 -10.40 15.46 14.03
C GLY B 157 -9.52 14.39 13.39
N ARG B 158 -9.03 13.42 14.18
CA ARG B 158 -7.97 12.47 13.73
C ARG B 158 -8.50 11.68 12.54
N PRO B 159 -8.00 11.98 11.30
CA PRO B 159 -8.61 11.48 10.07
C PRO B 159 -9.11 10.02 10.06
N GLU B 160 -8.26 9.06 10.39
CA GLU B 160 -8.54 7.61 10.18
C GLU B 160 -9.76 7.20 11.04
N GLU B 161 -9.85 7.70 12.28
CA GLU B 161 -10.80 7.18 13.30
C GLU B 161 -12.08 8.05 13.31
N LYS B 162 -12.12 9.17 12.59
CA LYS B 162 -13.29 10.10 12.55
C LYS B 162 -14.56 9.33 12.14
N ASN B 163 -14.46 8.24 11.37
CA ASN B 163 -15.60 7.44 10.86
C ASN B 163 -15.82 6.16 11.68
N VAL B 164 -15.16 6.02 12.81
CA VAL B 164 -15.42 4.91 13.77
C VAL B 164 -16.84 5.11 14.33
N PRO B 165 -17.74 4.11 14.14
CA PRO B 165 -19.06 4.16 14.77
C PRO B 165 -19.11 3.65 16.23
N LEU B 166 -20.14 4.10 16.96
CA LEU B 166 -20.36 3.82 18.39
C LEU B 166 -20.30 2.32 18.61
N GLU B 167 -20.90 1.57 17.68
CA GLU B 167 -20.97 0.09 17.76
C GLU B 167 -19.56 -0.50 17.85
N TYR B 168 -18.60 0.09 17.15
CA TYR B 168 -17.21 -0.43 17.17
C TYR B 168 -16.60 -0.16 18.54
N LEU B 169 -16.79 1.03 19.13
CA LEU B 169 -16.38 1.38 20.51
C LEU B 169 -17.08 0.50 21.55
N GLN B 170 -18.36 0.18 21.38
CA GLN B 170 -19.05 -0.77 22.29
C GLN B 170 -18.37 -2.14 22.21
N GLN B 171 -18.09 -2.66 21.02
CA GLN B 171 -17.35 -3.93 20.85
C GLN B 171 -16.02 -3.86 21.63
N LEU B 172 -15.16 -2.84 21.44
CA LEU B 172 -13.81 -2.81 22.07
C LEU B 172 -13.92 -2.58 23.58
N HIS B 173 -14.95 -1.88 24.03
CA HIS B 173 -15.26 -1.67 25.48
C HIS B 173 -15.56 -3.03 26.15
N GLN B 174 -16.43 -3.84 25.54
CA GLN B 174 -16.81 -5.18 26.05
C GLN B 174 -15.61 -6.13 26.05
N LEU B 175 -14.76 -6.04 25.03
CA LEU B 175 -13.57 -6.90 24.96
C LEU B 175 -12.59 -6.48 26.07
N HIS B 176 -12.48 -5.16 26.34
CA HIS B 176 -11.66 -4.64 27.47
C HIS B 176 -12.30 -5.06 28.80
N GLU B 177 -13.62 -4.97 28.93
CA GLU B 177 -14.29 -5.46 30.16
C GLU B 177 -14.00 -6.96 30.38
N ASP B 178 -14.07 -7.77 29.34
CA ASP B 178 -13.91 -9.24 29.47
C ASP B 178 -12.48 -9.58 29.88
N TRP B 179 -11.50 -8.75 29.54
CA TRP B 179 -10.06 -9.00 29.82
C TRP B 179 -9.62 -8.36 31.15
N LEU B 180 -10.04 -7.13 31.43
CA LEU B 180 -9.49 -6.33 32.56
C LEU B 180 -10.40 -6.33 33.78
N ILE B 181 -11.70 -6.56 33.65
CA ILE B 181 -12.65 -6.61 34.78
C ILE B 181 -13.08 -8.07 35.01
N HIS B 182 -13.50 -8.77 33.98
CA HIS B 182 -14.10 -10.12 34.10
C HIS B 182 -13.03 -11.21 34.09
N GLN B 183 -11.78 -10.96 33.72
CA GLN B 183 -10.72 -12.01 33.76
C GLN B 183 -11.07 -13.27 32.96
N ARG B 184 -11.70 -13.12 31.80
CA ARG B 184 -12.00 -14.25 30.87
C ARG B 184 -10.82 -14.56 29.95
N ARG B 185 -9.70 -13.82 30.03
CA ARG B 185 -8.45 -14.03 29.26
C ARG B 185 -7.36 -14.39 30.26
N PRO B 186 -6.30 -15.12 29.88
CA PRO B 186 -5.15 -15.29 30.78
C PRO B 186 -4.55 -13.94 31.22
N GLN B 187 -4.58 -13.61 32.52
CA GLN B 187 -4.13 -12.28 33.00
C GLN B 187 -2.70 -12.39 33.49
N SER B 188 -1.88 -11.46 33.02
CA SER B 188 -0.41 -11.44 33.15
C SER B 188 0.03 -10.67 34.40
N CYS B 189 -0.87 -9.87 35.01
CA CYS B 189 -0.53 -8.96 36.13
C CYS B 189 -1.76 -8.26 36.66
N LYS B 190 -1.56 -7.47 37.71
CA LYS B 190 -2.59 -6.67 38.41
C LYS B 190 -3.06 -5.47 37.57
N VAL B 191 -4.32 -5.13 37.76
CA VAL B 191 -4.99 -4.05 37.02
C VAL B 191 -5.46 -3.03 38.04
N LEU B 192 -5.05 -1.77 37.87
CA LEU B 192 -5.68 -0.58 38.51
C LEU B 192 -6.56 0.10 37.45
N VAL B 193 -7.75 0.55 37.85
CA VAL B 193 -8.82 1.15 37.00
C VAL B 193 -8.95 2.63 37.34
N LEU B 194 -8.85 3.50 36.32
CA LEU B 194 -9.18 4.94 36.41
C LEU B 194 -10.55 5.16 35.77
N ASP B 195 -11.40 5.99 36.41
CA ASP B 195 -12.64 6.44 35.74
C ASP B 195 -12.27 7.47 34.67
N ALA B 196 -12.01 7.01 33.47
CA ALA B 196 -11.49 7.84 32.35
C ALA B 196 -12.68 8.53 31.63
N ASP B 197 -13.92 8.41 32.12
CA ASP B 197 -15.02 9.38 31.80
C ASP B 197 -14.65 10.78 32.33
N LEU B 198 -13.92 10.88 33.45
CA LEU B 198 -13.44 12.19 33.96
C LEU B 198 -12.24 12.67 33.12
N ASN B 199 -11.90 13.95 33.27
CA ASN B 199 -10.71 14.60 32.66
C ASN B 199 -9.47 14.23 33.52
N LEU B 200 -8.46 13.61 32.92
CA LEU B 200 -7.29 13.08 33.67
C LEU B 200 -6.11 14.06 33.57
N GLU B 201 -6.35 15.28 33.09
CA GLU B 201 -5.32 16.31 32.83
C GLU B 201 -4.49 16.55 34.10
N ASN B 202 -5.12 16.49 35.26
CA ASN B 202 -4.52 16.94 36.54
C ASN B 202 -4.10 15.74 37.40
N ILE B 203 -4.21 14.51 36.90
CA ILE B 203 -3.93 13.32 37.74
C ILE B 203 -2.45 13.28 38.14
N GLY B 204 -2.18 12.90 39.40
CA GLY B 204 -0.81 12.80 39.92
C GLY B 204 -0.24 14.16 40.33
N THR B 205 -0.95 15.27 40.14
CA THR B 205 -0.35 16.62 40.32
C THR B 205 -0.10 16.91 41.81
N GLU B 206 -0.78 16.24 42.74
CA GLU B 206 -0.46 16.27 44.20
C GLU B 206 1.01 15.84 44.43
N TYR B 207 1.54 14.96 43.59
CA TYR B 207 2.98 14.57 43.58
C TYR B 207 3.74 15.62 42.76
N GLN B 208 4.79 16.20 43.32
CA GLN B 208 5.56 17.30 42.66
C GLN B 208 7.05 16.92 42.72
N ARG B 209 7.80 17.26 41.69
CA ARG B 209 9.23 16.90 41.57
C ARG B 209 9.99 17.78 42.55
N SER B 210 10.96 17.22 43.26
CA SER B 210 11.83 17.97 44.19
C SER B 210 12.58 19.05 43.39
N GLU B 211 12.97 18.73 42.16
CA GLU B 211 13.73 19.63 41.23
C GLU B 211 12.91 20.91 41.00
N SER B 212 11.57 20.79 40.89
CA SER B 212 10.60 21.88 40.58
C SER B 212 10.93 23.19 41.32
N SER B 213 10.83 24.30 40.57
CA SER B 213 11.14 25.70 40.97
C SER B 213 10.28 26.12 42.17
N ILE B 214 9.04 25.58 42.28
CA ILE B 214 8.07 25.91 43.37
C ILE B 214 8.71 25.55 44.72
N PHE B 215 9.82 24.79 44.69
CA PHE B 215 10.75 24.56 45.82
C PHE B 215 12.01 25.38 45.58
N MET C 1 -45.43 -2.49 -25.13
CA MET C 1 -44.56 -2.90 -26.27
C MET C 1 -43.16 -3.14 -25.73
N LYS C 2 -42.33 -3.88 -26.46
CA LYS C 2 -40.90 -4.09 -26.14
C LYS C 2 -40.06 -3.11 -26.96
N TYR C 3 -38.86 -2.84 -26.50
CA TYR C 3 -37.87 -2.02 -27.24
C TYR C 3 -37.50 -2.72 -28.56
N ALA C 4 -37.46 -1.95 -29.64
CA ALA C 4 -36.88 -2.38 -30.92
C ALA C 4 -37.68 -3.55 -31.50
N GLU C 5 -38.98 -3.58 -31.29
CA GLU C 5 -39.91 -4.49 -32.03
C GLU C 5 -39.79 -4.38 -33.56
N GLY C 6 -39.30 -3.25 -34.11
CA GLY C 6 -39.15 -2.99 -35.57
C GLY C 6 -37.98 -3.72 -36.21
N THR C 7 -36.92 -4.04 -35.45
CA THR C 7 -35.82 -4.99 -35.81
C THR C 7 -36.38 -6.43 -35.87
N ARG C 8 -36.80 -6.87 -37.05
CA ARG C 8 -37.36 -8.23 -37.22
C ARG C 8 -36.82 -8.91 -38.48
N PRO C 9 -35.56 -8.73 -38.87
CA PRO C 9 -35.02 -9.48 -39.99
C PRO C 9 -34.89 -10.96 -39.59
N PHE C 10 -34.71 -11.87 -40.54
CA PHE C 10 -34.63 -13.30 -40.19
C PHE C 10 -33.29 -13.49 -39.48
N THR C 11 -33.33 -13.91 -38.22
CA THR C 11 -32.16 -13.79 -37.31
C THR C 11 -31.66 -15.18 -36.96
N ILE C 12 -30.44 -15.47 -37.41
CA ILE C 12 -29.72 -16.77 -37.26
C ILE C 12 -28.60 -16.58 -36.23
N LEU C 13 -28.63 -17.41 -35.21
CA LEU C 13 -27.60 -17.46 -34.15
C LEU C 13 -26.70 -18.67 -34.40
N ILE C 14 -25.40 -18.38 -34.54
CA ILE C 14 -24.31 -19.37 -34.67
C ILE C 14 -23.80 -19.63 -33.25
N GLU C 15 -23.94 -20.86 -32.78
CA GLU C 15 -23.60 -21.29 -31.39
C GLU C 15 -22.58 -22.43 -31.45
N GLY C 16 -21.74 -22.51 -30.43
CA GLY C 16 -20.57 -23.42 -30.45
C GLY C 16 -19.67 -23.17 -29.27
N ASN C 17 -18.89 -24.20 -28.90
CA ASN C 17 -17.84 -24.13 -27.85
C ASN C 17 -16.76 -23.17 -28.35
N ILE C 18 -15.85 -22.76 -27.46
CA ILE C 18 -14.59 -22.10 -27.92
C ILE C 18 -13.93 -23.07 -28.90
N GLY C 19 -13.38 -22.61 -30.01
CA GLY C 19 -12.68 -23.47 -30.97
C GLY C 19 -13.60 -24.43 -31.73
N SER C 20 -14.85 -24.03 -32.02
CA SER C 20 -15.79 -24.85 -32.82
C SER C 20 -15.80 -24.37 -34.29
N GLY C 21 -14.89 -23.48 -34.64
CA GLY C 21 -14.80 -22.95 -36.01
C GLY C 21 -15.87 -21.91 -36.31
N LYS C 22 -16.38 -21.20 -35.30
CA LYS C 22 -17.45 -20.19 -35.50
C LYS C 22 -16.93 -19.13 -36.47
N THR C 23 -15.67 -18.71 -36.30
CA THR C 23 -15.09 -17.55 -37.00
C THR C 23 -15.01 -17.88 -38.49
N THR C 24 -14.52 -19.08 -38.83
CA THR C 24 -14.46 -19.67 -40.18
C THR C 24 -15.87 -19.67 -40.79
N TYR C 25 -16.80 -20.36 -40.16
CA TYR C 25 -18.20 -20.52 -40.64
C TYR C 25 -18.78 -19.14 -40.94
N LEU C 26 -18.55 -18.16 -40.07
CA LEU C 26 -19.06 -16.77 -40.24
C LEU C 26 -18.40 -16.04 -41.42
N ASN C 27 -17.09 -16.19 -41.56
CA ASN C 27 -16.29 -15.57 -42.65
C ASN C 27 -16.91 -15.98 -44.00
N HIS C 28 -17.43 -17.20 -44.11
CA HIS C 28 -18.00 -17.73 -45.38
C HIS C 28 -19.20 -16.88 -45.82
N PHE C 29 -19.93 -16.25 -44.91
CA PHE C 29 -21.12 -15.43 -45.25
C PHE C 29 -20.70 -14.03 -45.72
N GLU C 30 -19.42 -13.66 -45.71
CA GLU C 30 -18.97 -12.26 -46.01
C GLU C 30 -19.43 -11.88 -47.44
N LYS C 31 -19.33 -12.81 -48.40
CA LYS C 31 -19.76 -12.56 -49.82
C LYS C 31 -21.17 -11.96 -49.85
N TYR C 32 -22.01 -12.23 -48.86
CA TYR C 32 -23.43 -11.79 -48.77
C TYR C 32 -23.62 -10.51 -47.92
N LYS C 33 -22.52 -9.88 -47.48
CA LYS C 33 -22.58 -8.72 -46.55
C LYS C 33 -23.48 -7.60 -47.11
N ASP C 34 -23.74 -7.50 -48.43
CA ASP C 34 -24.68 -6.46 -48.95
C ASP C 34 -26.14 -6.81 -48.62
N ASP C 35 -26.48 -8.09 -48.48
CA ASP C 35 -27.88 -8.57 -48.24
C ASP C 35 -28.04 -9.11 -46.82
N ILE C 36 -26.95 -9.39 -46.11
CA ILE C 36 -26.98 -9.97 -44.75
C ILE C 36 -26.28 -8.99 -43.80
N CYS C 37 -26.90 -8.67 -42.67
CA CYS C 37 -26.28 -7.99 -41.49
C CYS C 37 -25.52 -9.06 -40.70
N LEU C 38 -24.20 -9.04 -40.82
CA LEU C 38 -23.23 -10.00 -40.25
C LEU C 38 -22.58 -9.38 -39.02
N LEU C 39 -22.78 -9.99 -37.83
CA LEU C 39 -22.27 -9.47 -36.53
C LEU C 39 -21.40 -10.55 -35.85
N THR C 40 -20.09 -10.32 -35.80
CA THR C 40 -19.13 -11.25 -35.17
C THR C 40 -19.01 -10.86 -33.71
N GLU C 41 -18.55 -11.81 -32.90
CA GLU C 41 -18.60 -11.58 -31.45
C GLU C 41 -17.72 -10.37 -31.19
N PRO C 42 -18.17 -9.44 -30.35
CA PRO C 42 -17.51 -8.15 -30.20
C PRO C 42 -16.39 -8.22 -29.15
N VAL C 43 -15.42 -9.10 -29.36
CA VAL C 43 -14.25 -9.30 -28.47
C VAL C 43 -13.63 -7.93 -28.20
N GLU C 44 -13.33 -7.18 -29.26
CA GLU C 44 -12.62 -5.87 -29.19
C GLU C 44 -13.34 -4.92 -28.20
N LYS C 45 -14.68 -4.88 -28.17
CA LYS C 45 -15.39 -4.11 -27.10
C LYS C 45 -15.07 -4.66 -25.71
N TRP C 46 -14.96 -5.99 -25.52
CA TRP C 46 -14.64 -6.60 -24.21
C TRP C 46 -13.19 -6.26 -23.79
N ARG C 47 -12.30 -6.07 -24.76
CA ARG C 47 -10.86 -5.78 -24.55
C ARG C 47 -10.66 -4.28 -24.25
N ASN C 48 -11.70 -3.47 -24.37
CA ASN C 48 -11.54 -2.00 -24.32
C ASN C 48 -12.86 -1.36 -23.91
N VAL C 49 -13.15 -1.40 -22.60
CA VAL C 49 -14.34 -0.72 -21.98
C VAL C 49 -13.87 0.63 -21.45
N ASN C 50 -14.01 1.68 -22.30
CA ASN C 50 -13.60 3.08 -22.06
C ASN C 50 -12.20 3.13 -21.47
N GLY C 51 -11.31 2.18 -21.80
CA GLY C 51 -9.93 2.08 -21.26
C GLY C 51 -9.54 0.70 -20.77
N VAL C 52 -10.48 -0.06 -20.19
CA VAL C 52 -10.18 -1.30 -19.40
C VAL C 52 -10.33 -2.54 -20.29
N ASN C 53 -9.47 -3.57 -20.08
CA ASN C 53 -9.60 -4.89 -20.76
C ASN C 53 -10.32 -5.83 -19.79
N LEU C 54 -11.63 -6.01 -19.98
CA LEU C 54 -12.45 -6.88 -19.09
C LEU C 54 -12.11 -8.33 -19.41
N LEU C 55 -11.66 -8.64 -20.64
CA LEU C 55 -11.44 -10.06 -21.03
C LEU C 55 -10.24 -10.62 -20.28
N GLU C 56 -9.09 -9.93 -20.31
CA GLU C 56 -7.86 -10.34 -19.57
C GLU C 56 -8.23 -10.49 -18.09
N LEU C 57 -8.71 -9.39 -17.50
CA LEU C 57 -9.07 -9.23 -16.05
C LEU C 57 -9.94 -10.38 -15.58
N MET C 58 -10.65 -11.08 -16.47
CA MET C 58 -11.61 -12.15 -16.10
C MET C 58 -10.93 -13.52 -16.15
N TYR C 59 -10.08 -13.75 -17.16
CA TYR C 59 -9.31 -15.01 -17.31
C TYR C 59 -8.05 -14.93 -16.42
N LYS C 60 -7.79 -13.77 -15.79
CA LYS C 60 -6.80 -13.62 -14.67
C LYS C 60 -7.46 -13.91 -13.31
N ASP C 61 -8.51 -13.17 -12.94
CA ASP C 61 -9.18 -13.23 -11.61
C ASP C 61 -10.69 -13.44 -11.79
N PRO C 62 -11.15 -14.62 -12.25
CA PRO C 62 -12.57 -14.83 -12.51
C PRO C 62 -13.46 -14.69 -11.27
N LYS C 63 -12.96 -14.98 -10.07
CA LYS C 63 -13.78 -14.78 -8.84
C LYS C 63 -14.23 -13.32 -8.78
N LYS C 64 -13.35 -12.37 -9.10
CA LYS C 64 -13.62 -10.91 -8.93
C LYS C 64 -14.38 -10.35 -10.15
N TRP C 65 -13.95 -10.72 -11.35
CA TRP C 65 -14.35 -10.10 -12.64
C TRP C 65 -15.52 -10.81 -13.34
N ALA C 66 -15.97 -11.97 -12.87
CA ALA C 66 -17.09 -12.71 -13.48
C ALA C 66 -18.28 -11.77 -13.70
N MET C 67 -18.82 -11.19 -12.63
CA MET C 67 -20.10 -10.45 -12.68
C MET C 67 -19.97 -9.31 -13.68
N PRO C 68 -19.05 -8.35 -13.46
CA PRO C 68 -18.83 -7.28 -14.43
C PRO C 68 -18.60 -7.77 -15.87
N PHE C 69 -17.68 -8.72 -16.07
CA PHE C 69 -17.41 -9.30 -17.41
C PHE C 69 -18.71 -9.81 -18.05
N VAL C 70 -19.48 -10.69 -17.40
CA VAL C 70 -20.69 -11.30 -18.05
C VAL C 70 -21.75 -10.21 -18.23
N SER C 71 -21.73 -9.21 -17.36
CA SER C 71 -22.69 -8.09 -17.40
C SER C 71 -22.46 -7.32 -18.71
N TYR C 72 -21.22 -6.97 -18.99
CA TYR C 72 -20.85 -6.17 -20.17
C TYR C 72 -21.08 -7.02 -21.42
N VAL C 73 -20.57 -8.25 -21.42
CA VAL C 73 -20.80 -9.24 -22.52
C VAL C 73 -22.30 -9.25 -22.83
N THR C 74 -23.15 -9.40 -21.82
CA THR C 74 -24.61 -9.48 -22.03
C THR C 74 -25.09 -8.21 -22.75
N LEU C 75 -24.64 -7.03 -22.32
CA LEU C 75 -24.99 -5.75 -22.99
C LEU C 75 -24.61 -5.80 -24.47
N THR C 76 -23.38 -6.21 -24.80
CA THR C 76 -22.86 -6.16 -26.19
C THR C 76 -23.66 -7.12 -27.06
N MET C 77 -24.11 -8.23 -26.51
CA MET C 77 -24.93 -9.16 -27.30
C MET C 77 -26.30 -8.51 -27.48
N LEU C 78 -26.84 -7.85 -26.46
CA LEU C 78 -28.15 -7.16 -26.52
C LEU C 78 -28.10 -6.06 -27.60
N GLN C 79 -26.99 -5.34 -27.71
CA GLN C 79 -26.82 -4.31 -28.77
C GLN C 79 -26.89 -4.99 -30.15
N MET C 80 -26.11 -6.06 -30.38
CA MET C 80 -26.16 -6.85 -31.63
C MET C 80 -27.61 -7.32 -31.95
N HIS C 81 -28.36 -7.80 -30.95
CA HIS C 81 -29.74 -8.31 -31.13
C HIS C 81 -30.64 -7.19 -31.62
N THR C 82 -30.52 -6.01 -30.99
CA THR C 82 -31.42 -4.85 -31.19
C THR C 82 -30.93 -3.98 -32.34
N GLN C 83 -29.71 -4.20 -32.87
CA GLN C 83 -29.09 -3.34 -33.91
C GLN C 83 -29.97 -3.36 -35.14
N PRO C 84 -30.54 -2.21 -35.56
CA PRO C 84 -31.48 -2.18 -36.69
C PRO C 84 -30.75 -2.44 -38.01
N THR C 85 -31.47 -2.93 -39.02
CA THR C 85 -30.91 -3.15 -40.39
C THR C 85 -32.03 -3.10 -41.43
N ASN C 86 -31.72 -2.68 -42.65
CA ASN C 86 -32.67 -2.74 -43.81
C ASN C 86 -32.49 -4.05 -44.59
N LYS C 87 -31.51 -4.87 -44.18
CA LYS C 87 -31.24 -6.22 -44.73
C LYS C 87 -32.25 -7.23 -44.18
N LYS C 88 -32.59 -8.24 -44.96
CA LYS C 88 -33.68 -9.19 -44.65
C LYS C 88 -33.14 -10.29 -43.72
N VAL C 89 -31.81 -10.40 -43.59
CA VAL C 89 -31.18 -11.48 -42.80
C VAL C 89 -30.18 -10.86 -41.84
N LYS C 90 -30.20 -11.28 -40.57
CA LYS C 90 -29.09 -11.01 -39.62
C LYS C 90 -28.49 -12.34 -39.17
N ILE C 91 -27.18 -12.47 -39.26
CA ILE C 91 -26.47 -13.62 -38.65
C ILE C 91 -25.54 -13.13 -37.55
N MET C 92 -25.76 -13.60 -36.32
CA MET C 92 -24.96 -13.20 -35.12
C MET C 92 -24.03 -14.35 -34.70
N GLU C 93 -22.85 -14.00 -34.25
CA GLU C 93 -21.95 -14.96 -33.57
C GLU C 93 -22.26 -14.94 -32.10
N ARG C 94 -22.91 -16.01 -31.64
CA ARG C 94 -23.41 -16.23 -30.25
C ARG C 94 -24.55 -15.24 -29.97
N SER C 95 -25.02 -15.20 -28.74
CA SER C 95 -26.32 -14.59 -28.41
C SER C 95 -26.43 -14.32 -26.91
N ILE C 96 -27.46 -13.60 -26.47
CA ILE C 96 -27.66 -13.39 -25.03
C ILE C 96 -27.98 -14.75 -24.43
N PHE C 97 -28.55 -15.65 -25.22
CA PHE C 97 -28.97 -17.02 -24.80
C PHE C 97 -27.76 -17.88 -24.44
N SER C 98 -26.68 -17.83 -25.22
CA SER C 98 -25.41 -18.54 -24.88
C SER C 98 -24.75 -17.88 -23.65
N ALA C 99 -24.92 -16.58 -23.48
CA ALA C 99 -24.39 -15.87 -22.31
C ALA C 99 -25.09 -16.42 -21.07
N ARG C 100 -26.40 -16.65 -21.15
CA ARG C 100 -27.22 -16.95 -19.95
C ARG C 100 -27.18 -18.45 -19.61
N TYR C 101 -27.34 -19.31 -20.62
CA TYR C 101 -27.56 -20.77 -20.45
C TYR C 101 -26.21 -21.50 -20.38
N CYS C 102 -25.17 -20.93 -20.97
CA CYS C 102 -23.82 -21.52 -21.01
C CYS C 102 -22.87 -20.74 -20.09
N PHE C 103 -22.44 -19.51 -20.42
CA PHE C 103 -21.25 -18.90 -19.76
C PHE C 103 -21.56 -18.57 -18.29
N VAL C 104 -22.66 -17.88 -18.05
CA VAL C 104 -23.13 -17.51 -16.70
C VAL C 104 -23.29 -18.77 -15.86
N GLU C 105 -23.86 -19.82 -16.45
CA GLU C 105 -24.23 -21.07 -15.72
C GLU C 105 -22.94 -21.78 -15.27
N ASN C 106 -21.97 -21.86 -16.17
CA ASN C 106 -20.65 -22.44 -15.89
C ASN C 106 -19.92 -21.65 -14.81
N MET C 107 -20.07 -20.32 -14.87
CA MET C 107 -19.40 -19.44 -13.90
C MET C 107 -20.02 -19.69 -12.52
N ARG C 108 -21.31 -19.98 -12.43
CA ARG C 108 -21.99 -20.27 -11.14
C ARG C 108 -21.44 -21.59 -10.61
N ARG C 109 -21.43 -22.62 -11.45
CA ARG C 109 -20.88 -23.96 -11.12
C ARG C 109 -19.44 -23.86 -10.64
N ASN C 110 -18.58 -23.10 -11.33
CA ASN C 110 -17.14 -22.99 -10.97
C ASN C 110 -16.96 -22.08 -9.73
N GLY C 111 -18.04 -21.57 -9.12
CA GLY C 111 -18.03 -20.75 -7.88
C GLY C 111 -17.60 -19.29 -8.07
N TRP C 112 -17.43 -18.81 -9.31
CA TRP C 112 -16.97 -17.43 -9.64
C TRP C 112 -18.09 -16.38 -9.48
N LEU C 113 -19.34 -16.82 -9.56
CA LEU C 113 -20.57 -16.05 -9.23
C LEU C 113 -21.22 -16.70 -8.02
N GLU C 114 -21.20 -16.07 -6.86
CA GLU C 114 -21.91 -16.59 -5.69
C GLU C 114 -23.41 -16.53 -6.00
N GLN C 115 -24.26 -17.02 -5.11
CA GLN C 115 -25.74 -17.07 -5.30
C GLN C 115 -26.29 -15.63 -5.37
N GLY C 116 -25.74 -14.70 -4.58
CA GLY C 116 -26.18 -13.29 -4.58
C GLY C 116 -26.15 -12.73 -5.98
N MET C 117 -24.98 -12.79 -6.62
CA MET C 117 -24.75 -12.27 -7.97
C MET C 117 -25.62 -13.01 -8.99
N TYR C 118 -25.71 -14.34 -8.89
CA TYR C 118 -26.34 -15.22 -9.91
C TYR C 118 -27.81 -14.80 -10.00
N ASN C 119 -28.43 -14.66 -8.83
CA ASN C 119 -29.86 -14.33 -8.66
C ASN C 119 -30.17 -12.98 -9.31
N THR C 120 -29.25 -12.01 -9.19
CA THR C 120 -29.35 -10.63 -9.73
C THR C 120 -29.35 -10.67 -11.26
N LEU C 121 -28.37 -11.35 -11.85
CA LEU C 121 -28.31 -11.62 -13.31
C LEU C 121 -29.61 -12.28 -13.81
N GLU C 122 -30.07 -13.35 -13.16
CA GLU C 122 -31.32 -14.03 -13.58
C GLU C 122 -32.49 -13.05 -13.51
N GLU C 123 -32.61 -12.26 -12.44
CA GLU C 123 -33.68 -11.23 -12.36
C GLU C 123 -33.57 -10.25 -13.56
N TRP C 124 -32.37 -9.88 -14.00
CA TRP C 124 -32.12 -8.98 -15.15
C TRP C 124 -32.53 -9.65 -16.47
N TYR C 125 -32.05 -10.89 -16.70
CA TYR C 125 -32.50 -11.72 -17.84
C TYR C 125 -34.03 -11.77 -17.89
N LYS C 126 -34.73 -11.98 -16.77
CA LYS C 126 -36.22 -12.02 -16.81
C LYS C 126 -36.72 -10.64 -17.25
N PHE C 127 -36.14 -9.57 -16.74
CA PHE C 127 -36.53 -8.18 -17.11
C PHE C 127 -36.22 -7.93 -18.60
N ILE C 128 -35.03 -8.30 -19.04
CA ILE C 128 -34.62 -8.15 -20.46
C ILE C 128 -35.65 -8.86 -21.35
N GLU C 129 -36.04 -10.08 -20.97
CA GLU C 129 -36.98 -10.92 -21.75
C GLU C 129 -38.32 -10.19 -21.89
N GLU C 130 -38.77 -9.50 -20.83
CA GLU C 130 -40.08 -8.81 -20.80
C GLU C 130 -40.01 -7.48 -21.55
N SER C 131 -38.83 -6.90 -21.72
CA SER C 131 -38.67 -5.46 -22.04
C SER C 131 -38.02 -5.24 -23.39
N ILE C 132 -37.28 -6.21 -23.91
CA ILE C 132 -36.45 -6.02 -25.13
C ILE C 132 -36.81 -7.09 -26.16
N HIS C 133 -37.26 -6.69 -27.33
CA HIS C 133 -37.51 -7.60 -28.46
C HIS C 133 -36.21 -8.25 -28.92
N ILE C 134 -36.15 -9.59 -28.88
CA ILE C 134 -34.97 -10.41 -29.37
C ILE C 134 -35.48 -11.40 -30.44
N GLN C 135 -35.37 -10.99 -31.72
CA GLN C 135 -35.63 -11.87 -32.87
C GLN C 135 -34.59 -12.99 -32.85
N ALA C 136 -35.08 -14.22 -32.83
CA ALA C 136 -34.28 -15.46 -32.94
C ALA C 136 -35.09 -16.43 -33.79
N ASP C 137 -34.68 -16.67 -35.02
CA ASP C 137 -35.50 -17.47 -35.98
C ASP C 137 -34.91 -18.87 -36.13
N LEU C 138 -33.59 -18.99 -36.03
CA LEU C 138 -32.84 -20.23 -36.31
C LEU C 138 -31.55 -20.16 -35.49
N ILE C 139 -31.11 -21.30 -34.95
CA ILE C 139 -29.77 -21.47 -34.35
C ILE C 139 -29.02 -22.50 -35.22
N ILE C 140 -27.82 -22.19 -35.68
CA ILE C 140 -26.86 -23.20 -36.22
C ILE C 140 -25.89 -23.60 -35.09
N TYR C 141 -25.95 -24.86 -34.66
CA TYR C 141 -25.07 -25.43 -33.60
C TYR C 141 -23.83 -26.02 -34.26
N LEU C 142 -22.67 -25.36 -34.15
CA LEU C 142 -21.38 -26.02 -34.55
C LEU C 142 -20.96 -26.97 -33.43
N ARG C 143 -21.43 -28.21 -33.50
CA ARG C 143 -21.28 -29.21 -32.42
C ARG C 143 -19.90 -29.86 -32.57
N THR C 144 -19.09 -29.83 -31.51
CA THR C 144 -17.73 -30.43 -31.45
C THR C 144 -17.59 -31.41 -30.28
N SER C 145 -16.53 -32.23 -30.37
CA SER C 145 -15.91 -32.95 -29.25
C SER C 145 -15.06 -31.97 -28.49
N PRO C 146 -15.06 -31.98 -27.14
CA PRO C 146 -14.15 -31.12 -26.42
C PRO C 146 -12.69 -31.36 -26.84
N GLU C 147 -12.32 -32.63 -27.09
CA GLU C 147 -10.93 -33.04 -27.49
C GLU C 147 -10.53 -32.22 -28.72
N VAL C 148 -11.39 -32.24 -29.74
CA VAL C 148 -11.16 -31.56 -31.04
C VAL C 148 -11.12 -30.05 -30.80
N ALA C 149 -12.01 -29.54 -29.93
CA ALA C 149 -12.07 -28.09 -29.63
C ALA C 149 -10.76 -27.66 -28.97
N TYR C 150 -10.23 -28.47 -28.06
CA TYR C 150 -8.99 -28.16 -27.30
C TYR C 150 -7.82 -28.06 -28.30
N GLU C 151 -7.68 -29.02 -29.23
CA GLU C 151 -6.63 -28.99 -30.29
C GLU C 151 -6.64 -27.62 -30.98
N ARG C 152 -7.81 -27.17 -31.45
CA ARG C 152 -7.97 -25.90 -32.23
C ARG C 152 -7.57 -24.70 -31.36
N ILE C 153 -7.87 -24.71 -30.05
CA ILE C 153 -7.65 -23.53 -29.16
C ILE C 153 -6.13 -23.33 -28.95
N ARG C 154 -5.32 -24.40 -29.08
CA ARG C 154 -3.83 -24.34 -28.95
C ARG C 154 -3.27 -23.28 -29.93
N LYS C 155 -3.80 -23.23 -31.16
CA LYS C 155 -3.48 -22.23 -32.22
C LYS C 155 -4.25 -20.93 -31.94
N GLU C 160 -4.57 -16.28 -29.35
CA GLU C 160 -4.63 -17.42 -28.39
C GLU C 160 -4.86 -16.84 -26.99
N GLU C 161 -5.26 -17.69 -26.03
CA GLU C 161 -5.40 -17.31 -24.59
C GLU C 161 -4.21 -17.90 -23.82
N ASN C 163 -4.51 -20.18 -21.65
CA ASN C 163 -4.35 -20.98 -20.41
C ASN C 163 -5.64 -21.75 -20.09
N VAL C 164 -6.38 -22.21 -21.12
CA VAL C 164 -7.76 -22.80 -20.98
C VAL C 164 -7.66 -24.32 -20.92
N PRO C 165 -8.11 -24.95 -19.81
CA PRO C 165 -8.11 -26.42 -19.70
C PRO C 165 -9.23 -27.14 -20.46
N LEU C 166 -8.93 -28.33 -21.00
CA LEU C 166 -9.89 -29.33 -21.57
C LEU C 166 -11.18 -29.39 -20.73
N GLU C 167 -11.07 -29.35 -19.41
CA GLU C 167 -12.18 -29.52 -18.43
C GLU C 167 -13.18 -28.36 -18.57
N TYR C 168 -12.72 -27.15 -18.86
CA TYR C 168 -13.56 -25.95 -19.09
C TYR C 168 -14.40 -26.19 -20.38
N LEU C 169 -13.75 -26.67 -21.44
CA LEU C 169 -14.38 -26.99 -22.75
C LEU C 169 -15.41 -28.12 -22.60
N GLN C 170 -15.11 -29.13 -21.78
CA GLN C 170 -16.05 -30.21 -21.39
C GLN C 170 -17.25 -29.60 -20.70
N GLN C 171 -17.03 -28.65 -19.79
CA GLN C 171 -18.12 -28.03 -19.03
C GLN C 171 -19.01 -27.28 -20.05
N LEU C 172 -18.39 -26.48 -20.91
CA LEU C 172 -19.17 -25.67 -21.87
C LEU C 172 -19.89 -26.60 -22.85
N HIS C 173 -19.28 -27.72 -23.24
CA HIS C 173 -19.88 -28.71 -24.18
C HIS C 173 -21.20 -29.23 -23.60
N GLN C 174 -21.19 -29.74 -22.37
CA GLN C 174 -22.38 -30.30 -21.69
C GLN C 174 -23.50 -29.24 -21.62
N LEU C 175 -23.19 -28.02 -21.25
CA LEU C 175 -24.21 -26.93 -21.16
C LEU C 175 -24.81 -26.63 -22.55
N HIS C 176 -23.98 -26.68 -23.58
CA HIS C 176 -24.42 -26.51 -24.98
C HIS C 176 -25.32 -27.71 -25.30
N GLU C 177 -24.94 -28.93 -24.87
CA GLU C 177 -25.74 -30.17 -25.13
C GLU C 177 -27.09 -30.05 -24.42
N ASP C 178 -27.05 -29.57 -23.19
CA ASP C 178 -28.28 -29.41 -22.37
C ASP C 178 -29.24 -28.43 -23.04
N TRP C 179 -28.73 -27.37 -23.66
CA TRP C 179 -29.55 -26.24 -24.18
C TRP C 179 -30.09 -26.63 -25.56
N LEU C 180 -29.24 -27.11 -26.44
CA LEU C 180 -29.47 -27.18 -27.90
C LEU C 180 -29.87 -28.56 -28.36
N ILE C 181 -29.43 -29.65 -27.67
CA ILE C 181 -29.78 -31.06 -28.00
C ILE C 181 -30.88 -31.55 -27.05
N HIS C 182 -30.59 -31.62 -25.76
CA HIS C 182 -31.65 -31.74 -24.73
C HIS C 182 -32.43 -30.43 -24.86
N GLN C 183 -33.50 -30.23 -24.11
CA GLN C 183 -34.29 -28.99 -24.28
C GLN C 183 -34.55 -28.45 -22.89
N ARG C 184 -33.49 -28.39 -22.09
CA ARG C 184 -33.55 -28.11 -20.64
C ARG C 184 -33.59 -26.61 -20.37
N ARG C 185 -33.37 -25.76 -21.36
CA ARG C 185 -33.58 -24.29 -21.23
C ARG C 185 -34.83 -23.92 -22.01
N PRO C 186 -35.52 -22.81 -21.68
CA PRO C 186 -36.61 -22.30 -22.52
C PRO C 186 -36.13 -22.02 -23.96
N GLN C 187 -36.69 -22.77 -24.92
CA GLN C 187 -36.15 -22.85 -26.30
C GLN C 187 -36.89 -21.83 -27.14
N SER C 188 -36.18 -20.79 -27.60
CA SER C 188 -36.77 -19.71 -28.41
C SER C 188 -37.13 -20.27 -29.79
N CYS C 189 -36.23 -21.01 -30.44
CA CYS C 189 -36.39 -21.40 -31.85
C CYS C 189 -35.75 -22.77 -32.16
N LYS C 190 -35.91 -23.18 -33.42
CA LYS C 190 -35.30 -24.38 -34.00
C LYS C 190 -33.77 -24.28 -34.08
N VAL C 191 -33.16 -25.46 -34.05
CA VAL C 191 -31.70 -25.68 -34.05
C VAL C 191 -31.40 -26.63 -35.21
N LEU C 192 -30.39 -26.28 -35.99
CA LEU C 192 -29.77 -27.17 -36.98
C LEU C 192 -28.35 -27.44 -36.48
N VAL C 193 -27.91 -28.69 -36.57
CA VAL C 193 -26.59 -29.14 -36.03
C VAL C 193 -25.66 -29.38 -37.20
N LEU C 194 -24.49 -28.75 -37.14
CA LEU C 194 -23.33 -29.12 -37.97
C LEU C 194 -22.33 -29.91 -37.09
N ASP C 195 -21.79 -30.98 -37.66
CA ASP C 195 -20.65 -31.73 -37.12
C ASP C 195 -19.40 -30.88 -37.35
N ALA C 196 -19.09 -30.00 -36.40
CA ALA C 196 -17.99 -29.02 -36.45
C ALA C 196 -16.69 -29.69 -36.03
N ASP C 197 -16.67 -31.02 -35.94
CA ASP C 197 -15.43 -31.82 -35.84
C ASP C 197 -14.77 -31.80 -37.23
N LEU C 198 -15.57 -31.95 -38.30
CA LEU C 198 -15.11 -31.83 -39.71
C LEU C 198 -14.60 -30.41 -39.97
N ASN C 199 -13.76 -30.25 -41.01
CA ASN C 199 -13.39 -28.91 -41.57
C ASN C 199 -14.58 -28.39 -42.38
N LEU C 200 -14.96 -27.12 -42.12
CA LEU C 200 -16.17 -26.45 -42.66
C LEU C 200 -15.74 -25.39 -43.68
N GLU C 201 -14.46 -25.37 -44.07
CA GLU C 201 -13.88 -24.36 -45.01
C GLU C 201 -14.82 -24.19 -46.20
N ASN C 202 -15.35 -25.29 -46.74
CA ASN C 202 -16.06 -25.31 -48.04
C ASN C 202 -17.60 -25.43 -47.88
N ILE C 203 -18.16 -25.34 -46.67
CA ILE C 203 -19.63 -25.49 -46.48
C ILE C 203 -20.40 -24.46 -47.33
N GLY C 204 -21.46 -24.90 -48.01
CA GLY C 204 -22.41 -24.03 -48.73
C GLY C 204 -21.93 -23.68 -50.13
N THR C 205 -20.75 -24.18 -50.57
CA THR C 205 -20.11 -23.68 -51.81
C THR C 205 -20.86 -24.22 -53.03
N GLU C 206 -21.72 -25.21 -52.85
CA GLU C 206 -22.65 -25.71 -53.91
C GLU C 206 -23.56 -24.54 -54.32
N TYR C 207 -23.91 -23.67 -53.38
CA TYR C 207 -24.64 -22.39 -53.62
C TYR C 207 -23.64 -21.33 -54.09
N GLN C 208 -23.82 -20.73 -55.26
CA GLN C 208 -23.01 -19.57 -55.75
C GLN C 208 -23.93 -18.39 -56.07
N ARG C 209 -23.49 -17.18 -55.75
CA ARG C 209 -24.18 -15.92 -56.14
C ARG C 209 -24.25 -15.82 -57.66
N SER C 210 -25.42 -15.43 -58.16
CA SER C 210 -25.62 -15.19 -59.61
C SER C 210 -24.63 -14.15 -60.10
N GLU C 211 -24.20 -13.22 -59.22
CA GLU C 211 -23.29 -12.07 -59.51
C GLU C 211 -21.80 -12.51 -59.63
N SER C 212 -21.43 -13.68 -59.14
CA SER C 212 -20.05 -14.25 -59.25
C SER C 212 -19.59 -14.27 -60.71
N SER C 213 -18.28 -14.05 -60.89
CA SER C 213 -17.59 -14.02 -62.21
C SER C 213 -17.69 -15.42 -62.85
N ILE C 214 -17.99 -16.45 -62.05
CA ILE C 214 -18.23 -17.84 -62.52
C ILE C 214 -19.35 -17.81 -63.59
N PHE C 215 -20.24 -16.84 -63.56
CA PHE C 215 -21.44 -16.78 -64.45
C PHE C 215 -21.32 -15.65 -65.48
N ASP C 216 -20.15 -15.03 -65.58
CA ASP C 216 -19.79 -14.10 -66.70
C ASP C 216 -19.68 -14.89 -68.02
N ALA C 217 -19.92 -14.26 -69.16
CA ALA C 217 -19.92 -14.90 -70.49
C ALA C 217 -18.51 -15.42 -70.88
N MET D 1 20.18 -12.69 25.00
CA MET D 1 20.24 -14.09 24.51
C MET D 1 19.01 -14.31 23.61
N LYS D 2 19.11 -15.24 22.67
CA LYS D 2 17.99 -15.65 21.79
C LYS D 2 17.30 -16.84 22.43
N TYR D 3 16.05 -17.11 22.04
CA TYR D 3 15.26 -18.28 22.48
C TYR D 3 15.91 -19.60 21.99
N ALA D 4 15.99 -20.60 22.87
CA ALA D 4 16.36 -22.01 22.62
C ALA D 4 17.78 -22.09 22.05
N GLU D 5 18.69 -21.22 22.46
CA GLU D 5 20.14 -21.33 22.17
C GLU D 5 20.65 -22.70 22.64
N GLY D 6 19.93 -23.36 23.55
CA GLY D 6 20.30 -24.69 24.10
C GLY D 6 20.19 -25.77 23.06
N THR D 7 19.26 -25.66 22.10
CA THR D 7 19.02 -26.58 20.94
C THR D 7 20.12 -26.35 19.86
N ARG D 8 21.19 -27.14 19.92
CA ARG D 8 22.39 -26.99 19.05
C ARG D 8 22.86 -28.33 18.51
N PRO D 9 22.00 -29.32 18.21
CA PRO D 9 22.46 -30.58 17.62
C PRO D 9 22.94 -30.29 16.20
N PHE D 10 23.75 -31.16 15.61
CA PHE D 10 24.23 -30.95 14.22
C PHE D 10 22.98 -31.05 13.34
N THR D 11 22.64 -29.93 12.68
CA THR D 11 21.29 -29.75 12.07
C THR D 11 21.43 -29.70 10.55
N ILE D 12 20.84 -30.71 9.91
CA ILE D 12 20.89 -30.88 8.44
C ILE D 12 19.52 -30.49 7.88
N LEU D 13 19.51 -29.54 6.95
CA LEU D 13 18.30 -29.11 6.20
C LEU D 13 18.25 -29.76 4.82
N ILE D 14 17.17 -30.47 4.54
CA ILE D 14 16.87 -31.09 3.22
C ILE D 14 16.02 -30.11 2.43
N GLU D 15 16.55 -29.59 1.32
CA GLU D 15 15.94 -28.55 0.45
C GLU D 15 15.75 -29.11 -0.97
N GLY D 16 14.71 -28.61 -1.65
CA GLY D 16 14.27 -29.19 -2.94
C GLY D 16 12.93 -28.67 -3.35
N ASN D 17 12.69 -28.62 -4.68
CA ASN D 17 11.42 -28.25 -5.32
C ASN D 17 10.33 -29.18 -4.77
N ILE D 18 9.08 -28.84 -5.08
CA ILE D 18 7.98 -29.84 -4.93
C ILE D 18 8.31 -30.97 -5.92
N GLY D 19 8.14 -32.23 -5.51
CA GLY D 19 8.43 -33.46 -6.28
C GLY D 19 9.93 -33.76 -6.43
N SER D 20 10.82 -33.26 -5.57
CA SER D 20 12.27 -33.54 -5.67
C SER D 20 12.65 -34.84 -4.94
N GLY D 21 11.65 -35.56 -4.40
CA GLY D 21 11.81 -36.83 -3.65
C GLY D 21 12.37 -36.63 -2.24
N LYS D 22 11.98 -35.56 -1.53
CA LYS D 22 12.39 -35.32 -0.12
C LYS D 22 11.89 -36.50 0.72
N THR D 23 10.62 -36.86 0.63
CA THR D 23 10.05 -37.97 1.43
C THR D 23 10.92 -39.22 1.37
N THR D 24 11.33 -39.69 0.18
CA THR D 24 12.12 -40.93 -0.02
C THR D 24 13.43 -40.78 0.76
N TYR D 25 14.14 -39.69 0.50
CA TYR D 25 15.48 -39.41 1.04
C TYR D 25 15.43 -39.29 2.57
N LEU D 26 14.42 -38.62 3.14
CA LEU D 26 14.16 -38.58 4.61
C LEU D 26 13.90 -39.99 5.14
N ASN D 27 13.03 -40.77 4.48
CA ASN D 27 12.61 -42.14 4.92
C ASN D 27 13.84 -43.04 5.10
N HIS D 28 14.87 -42.87 4.27
CA HIS D 28 16.12 -43.67 4.35
C HIS D 28 16.81 -43.43 5.70
N PHE D 29 16.63 -42.27 6.36
CA PHE D 29 17.27 -41.98 7.67
C PHE D 29 16.51 -42.61 8.83
N GLU D 30 15.39 -43.27 8.55
CA GLU D 30 14.46 -43.81 9.58
C GLU D 30 15.22 -44.78 10.48
N LYS D 31 16.08 -45.60 9.88
CA LYS D 31 16.82 -46.70 10.57
C LYS D 31 17.67 -46.10 11.70
N TYR D 32 17.99 -44.81 11.66
CA TYR D 32 18.78 -44.07 12.66
C TYR D 32 17.86 -43.24 13.58
N LYS D 33 16.56 -43.57 13.65
CA LYS D 33 15.49 -42.91 14.46
C LYS D 33 16.02 -42.68 15.90
N ASP D 34 16.64 -43.69 16.53
CA ASP D 34 17.17 -43.61 17.91
C ASP D 34 18.33 -42.63 18.04
N ASP D 35 19.07 -42.28 16.98
CA ASP D 35 20.32 -41.46 17.14
C ASP D 35 20.14 -40.07 16.53
N ILE D 36 19.07 -39.86 15.79
CA ILE D 36 18.86 -38.69 14.88
C ILE D 36 17.43 -38.18 15.13
N CYS D 37 17.27 -36.90 15.43
CA CYS D 37 15.93 -36.28 15.49
C CYS D 37 15.49 -35.99 14.03
N LEU D 38 14.53 -36.75 13.54
CA LEU D 38 14.01 -36.73 12.15
C LEU D 38 12.66 -36.03 12.12
N LEU D 39 12.60 -34.88 11.44
CA LEU D 39 11.40 -33.99 11.39
C LEU D 39 11.00 -33.79 9.93
N THR D 40 10.00 -34.53 9.48
CA THR D 40 9.47 -34.39 8.12
C THR D 40 8.53 -33.17 8.13
N GLU D 41 8.25 -32.64 6.96
CA GLU D 41 7.48 -31.40 6.85
C GLU D 41 6.09 -31.65 7.41
N PRO D 42 5.58 -30.70 8.19
CA PRO D 42 4.35 -30.91 8.94
C PRO D 42 3.11 -30.56 8.08
N VAL D 43 3.03 -31.20 6.92
CA VAL D 43 1.95 -30.94 5.94
C VAL D 43 0.59 -31.22 6.60
N GLU D 44 0.51 -32.14 7.57
CA GLU D 44 -0.74 -32.53 8.29
C GLU D 44 -1.21 -31.40 9.20
N LYS D 45 -0.31 -30.66 9.84
CA LYS D 45 -0.66 -29.39 10.54
C LYS D 45 -1.19 -28.35 9.55
N TRP D 46 -0.60 -28.20 8.35
CA TRP D 46 -1.08 -27.20 7.35
C TRP D 46 -2.46 -27.60 6.80
N ARG D 47 -2.79 -28.90 6.84
CA ARG D 47 -4.08 -29.51 6.36
C ARG D 47 -5.18 -29.42 7.43
N ASN D 48 -4.84 -29.08 8.67
CA ASN D 48 -5.78 -29.12 9.81
C ASN D 48 -5.33 -28.09 10.86
N VAL D 49 -5.58 -26.82 10.57
CA VAL D 49 -5.38 -25.71 11.56
C VAL D 49 -6.71 -25.52 12.29
N ASN D 50 -6.88 -26.20 13.43
CA ASN D 50 -8.15 -26.28 14.21
C ASN D 50 -9.30 -26.49 13.20
N GLY D 51 -9.14 -27.38 12.24
CA GLY D 51 -10.23 -27.82 11.33
C GLY D 51 -10.10 -27.30 9.91
N VAL D 52 -9.22 -26.33 9.65
CA VAL D 52 -9.13 -25.62 8.33
C VAL D 52 -7.90 -26.14 7.55
N ASN D 53 -8.06 -26.35 6.24
CA ASN D 53 -6.99 -26.88 5.36
C ASN D 53 -6.38 -25.68 4.64
N LEU D 54 -5.31 -25.12 5.22
CA LEU D 54 -4.70 -23.86 4.72
C LEU D 54 -4.01 -24.17 3.40
N LEU D 55 -3.53 -25.42 3.22
CA LEU D 55 -2.77 -25.80 2.01
C LEU D 55 -3.71 -25.70 0.81
N GLU D 56 -4.88 -26.32 0.89
CA GLU D 56 -5.97 -26.23 -0.13
C GLU D 56 -6.30 -24.76 -0.39
N LEU D 57 -6.67 -24.03 0.65
CA LEU D 57 -7.14 -22.62 0.53
C LEU D 57 -6.09 -21.78 -0.17
N MET D 58 -4.81 -22.16 -0.11
CA MET D 58 -3.71 -21.32 -0.69
C MET D 58 -3.58 -21.61 -2.19
N TYR D 59 -3.64 -22.87 -2.59
CA TYR D 59 -3.55 -23.27 -4.02
C TYR D 59 -4.83 -22.78 -4.68
N LYS D 60 -5.98 -22.99 -4.01
CA LYS D 60 -7.33 -22.53 -4.48
C LYS D 60 -7.36 -20.99 -4.64
N ASP D 61 -6.94 -20.17 -3.67
CA ASP D 61 -7.20 -18.71 -3.74
C ASP D 61 -6.00 -18.00 -3.15
N PRO D 62 -4.82 -18.08 -3.81
CA PRO D 62 -3.58 -17.59 -3.22
C PRO D 62 -3.60 -16.11 -2.86
N LYS D 63 -4.38 -15.29 -3.58
CA LYS D 63 -4.46 -13.81 -3.33
C LYS D 63 -4.97 -13.54 -1.91
N LYS D 64 -5.92 -14.35 -1.43
CA LYS D 64 -6.56 -14.22 -0.10
C LYS D 64 -5.79 -15.00 0.98
N TRP D 65 -5.24 -16.16 0.65
CA TRP D 65 -4.72 -17.12 1.67
C TRP D 65 -3.19 -17.21 1.70
N ALA D 66 -2.46 -16.57 0.79
CA ALA D 66 -0.98 -16.65 0.74
C ALA D 66 -0.44 -16.29 2.13
N MET D 67 -0.77 -15.09 2.61
CA MET D 67 -0.28 -14.51 3.88
C MET D 67 -0.53 -15.47 5.04
N PRO D 68 -1.79 -15.81 5.41
CA PRO D 68 -2.04 -16.79 6.46
C PRO D 68 -1.32 -18.13 6.26
N PHE D 69 -1.35 -18.70 5.07
CA PHE D 69 -0.61 -19.95 4.77
C PHE D 69 0.87 -19.76 5.12
N VAL D 70 1.54 -18.73 4.60
CA VAL D 70 3.02 -18.63 4.80
C VAL D 70 3.30 -18.33 6.28
N SER D 71 2.42 -17.61 6.94
CA SER D 71 2.57 -17.26 8.38
C SER D 71 2.58 -18.55 9.20
N TYR D 72 1.62 -19.42 8.96
CA TYR D 72 1.48 -20.66 9.74
C TYR D 72 2.66 -21.58 9.39
N VAL D 73 2.97 -21.68 8.11
CA VAL D 73 4.10 -22.56 7.65
C VAL D 73 5.36 -22.11 8.40
N THR D 74 5.61 -20.80 8.46
CA THR D 74 6.83 -20.27 9.10
C THR D 74 6.83 -20.76 10.54
N LEU D 75 5.68 -20.65 11.22
CA LEU D 75 5.55 -21.09 12.64
C LEU D 75 5.95 -22.55 12.78
N THR D 76 5.44 -23.44 11.92
CA THR D 76 5.67 -24.89 12.04
C THR D 76 7.17 -25.15 11.85
N MET D 77 7.83 -24.36 11.00
CA MET D 77 9.27 -24.53 10.70
C MET D 77 10.06 -24.04 11.93
N LEU D 78 9.67 -22.92 12.52
CA LEU D 78 10.25 -22.44 13.80
C LEU D 78 10.10 -23.52 14.90
N GLN D 79 8.95 -24.16 15.04
CA GLN D 79 8.75 -25.24 16.05
C GLN D 79 9.79 -26.33 15.80
N MET D 80 10.00 -26.76 14.55
CA MET D 80 10.97 -27.84 14.22
C MET D 80 12.42 -27.37 14.46
N HIS D 81 12.76 -26.14 14.08
CA HIS D 81 14.10 -25.54 14.33
C HIS D 81 14.42 -25.55 15.84
N THR D 82 13.48 -25.09 16.69
CA THR D 82 13.70 -24.87 18.14
C THR D 82 13.42 -26.15 18.95
N GLN D 83 12.83 -27.20 18.37
CA GLN D 83 12.47 -28.44 19.09
C GLN D 83 13.71 -29.02 19.77
N PRO D 84 13.79 -29.07 21.12
CA PRO D 84 14.96 -29.63 21.80
C PRO D 84 15.11 -31.15 21.58
N THR D 85 16.35 -31.65 21.54
CA THR D 85 16.59 -33.11 21.45
C THR D 85 17.86 -33.48 22.23
N ASN D 86 17.85 -34.68 22.82
CA ASN D 86 19.07 -35.32 23.42
C ASN D 86 19.90 -36.00 22.31
N LYS D 87 19.40 -36.03 21.08
CA LYS D 87 20.16 -36.57 19.92
C LYS D 87 21.15 -35.54 19.43
N LYS D 88 22.23 -36.00 18.82
CA LYS D 88 23.41 -35.15 18.50
C LYS D 88 23.21 -34.56 17.09
N VAL D 89 22.33 -35.16 16.30
CA VAL D 89 22.03 -34.81 14.89
C VAL D 89 20.53 -34.52 14.76
N LYS D 90 20.17 -33.42 14.10
CA LYS D 90 18.76 -33.18 13.65
C LYS D 90 18.73 -33.05 12.13
N ILE D 91 17.84 -33.79 11.50
CA ILE D 91 17.56 -33.70 10.05
C ILE D 91 16.12 -33.23 9.87
N MET D 92 15.95 -32.07 9.21
CA MET D 92 14.65 -31.40 8.95
C MET D 92 14.35 -31.40 7.46
N GLU D 93 13.09 -31.59 7.13
CA GLU D 93 12.56 -31.43 5.78
C GLU D 93 12.16 -29.96 5.56
N ARG D 94 12.94 -29.22 4.77
CA ARG D 94 12.78 -27.77 4.49
C ARG D 94 13.09 -26.98 5.77
N SER D 95 12.89 -25.68 5.76
CA SER D 95 13.43 -24.72 6.73
C SER D 95 12.73 -23.36 6.59
N ILE D 96 13.00 -22.45 7.50
CA ILE D 96 12.41 -21.09 7.44
C ILE D 96 13.15 -20.36 6.34
N PHE D 97 14.33 -20.87 5.99
CA PHE D 97 15.16 -20.26 4.91
C PHE D 97 14.47 -20.47 3.57
N SER D 98 14.06 -21.70 3.25
CA SER D 98 13.29 -22.00 2.00
C SER D 98 11.95 -21.23 2.00
N ALA D 99 11.24 -21.20 3.13
CA ALA D 99 9.96 -20.45 3.27
C ALA D 99 10.22 -19.00 2.86
N ARG D 100 11.32 -18.42 3.31
CA ARG D 100 11.63 -16.99 3.08
C ARG D 100 12.11 -16.78 1.66
N TYR D 101 13.15 -17.50 1.25
CA TYR D 101 13.96 -17.20 0.03
C TYR D 101 13.33 -17.79 -1.25
N CYS D 102 12.49 -18.81 -1.16
CA CYS D 102 11.83 -19.43 -2.33
C CYS D 102 10.32 -19.17 -2.27
N PHE D 103 9.59 -19.73 -1.32
CA PHE D 103 8.11 -19.75 -1.43
C PHE D 103 7.53 -18.33 -1.29
N VAL D 104 8.04 -17.55 -0.33
CA VAL D 104 7.49 -16.19 -0.06
C VAL D 104 7.87 -15.28 -1.22
N GLU D 105 9.10 -15.42 -1.72
CA GLU D 105 9.66 -14.61 -2.83
C GLU D 105 8.83 -14.90 -4.10
N ASN D 106 8.49 -16.15 -4.35
CA ASN D 106 7.70 -16.55 -5.54
C ASN D 106 6.32 -15.88 -5.41
N MET D 107 5.67 -16.05 -4.27
CA MET D 107 4.30 -15.53 -4.02
C MET D 107 4.29 -14.02 -4.19
N ARG D 108 5.40 -13.34 -3.87
CA ARG D 108 5.54 -11.89 -4.14
C ARG D 108 5.59 -11.61 -5.65
N ARG D 109 6.47 -12.31 -6.36
CA ARG D 109 6.65 -12.20 -7.84
C ARG D 109 5.33 -12.49 -8.58
N ASN D 110 4.52 -13.43 -8.09
CA ASN D 110 3.24 -13.81 -8.72
C ASN D 110 2.12 -12.89 -8.22
N GLY D 111 2.44 -11.84 -7.45
CA GLY D 111 1.47 -10.84 -6.99
C GLY D 111 0.47 -11.37 -5.98
N TRP D 112 0.73 -12.51 -5.32
CA TRP D 112 -0.15 -13.11 -4.27
C TRP D 112 0.13 -12.49 -2.90
N LEU D 113 1.24 -11.78 -2.75
CA LEU D 113 1.55 -10.94 -1.58
C LEU D 113 1.78 -9.56 -2.12
N GLU D 114 0.90 -8.63 -1.86
CA GLU D 114 1.17 -7.22 -2.20
C GLU D 114 2.26 -6.64 -1.29
N GLN D 115 2.81 -5.48 -1.64
CA GLN D 115 3.96 -4.83 -0.95
C GLN D 115 3.72 -4.79 0.58
N GLY D 116 2.52 -4.38 1.01
CA GLY D 116 2.14 -4.26 2.43
C GLY D 116 2.36 -5.56 3.18
N MET D 117 1.93 -6.67 2.59
CA MET D 117 2.00 -8.01 3.20
C MET D 117 3.47 -8.46 3.21
N TYR D 118 4.18 -8.28 2.10
CA TYR D 118 5.58 -8.77 1.90
C TYR D 118 6.47 -8.05 2.91
N ASN D 119 6.31 -6.74 3.01
CA ASN D 119 7.08 -5.86 3.91
C ASN D 119 6.91 -6.34 5.34
N THR D 120 5.67 -6.53 5.80
CA THR D 120 5.29 -7.12 7.12
C THR D 120 6.02 -8.46 7.32
N LEU D 121 5.94 -9.38 6.35
CA LEU D 121 6.65 -10.68 6.49
C LEU D 121 8.16 -10.45 6.67
N GLU D 122 8.74 -9.53 5.90
CA GLU D 122 10.21 -9.32 5.92
C GLU D 122 10.64 -8.81 7.30
N GLU D 123 9.84 -7.91 7.91
CA GLU D 123 10.11 -7.29 9.23
C GLU D 123 10.11 -8.40 10.29
N TRP D 124 9.11 -9.26 10.22
CA TRP D 124 9.01 -10.48 11.04
C TRP D 124 10.26 -11.34 10.85
N TYR D 125 10.66 -11.67 9.61
CA TYR D 125 11.83 -12.57 9.41
C TYR D 125 13.02 -11.88 10.06
N LYS D 126 13.11 -10.55 10.01
CA LYS D 126 14.27 -9.83 10.61
C LYS D 126 14.21 -9.96 12.14
N PHE D 127 13.02 -9.84 12.73
CA PHE D 127 12.77 -10.00 14.18
C PHE D 127 13.00 -11.47 14.61
N ILE D 128 12.57 -12.42 13.78
CA ILE D 128 12.86 -13.86 14.05
C ILE D 128 14.37 -14.10 14.18
N GLU D 129 15.16 -13.59 13.23
CA GLU D 129 16.63 -13.78 13.18
C GLU D 129 17.31 -13.17 14.41
N GLU D 130 16.78 -12.09 14.95
CA GLU D 130 17.33 -11.41 16.16
C GLU D 130 16.93 -12.14 17.44
N SER D 131 15.87 -12.96 17.44
CA SER D 131 15.16 -13.40 18.69
C SER D 131 15.19 -14.93 18.88
N ILE D 132 15.34 -15.70 17.79
CA ILE D 132 15.21 -17.17 17.80
C ILE D 132 16.51 -17.79 17.27
N HIS D 133 17.15 -18.64 18.05
CA HIS D 133 18.37 -19.35 17.67
C HIS D 133 17.99 -20.39 16.64
N ILE D 134 18.63 -20.37 15.47
CA ILE D 134 18.33 -21.31 14.35
C ILE D 134 19.62 -21.98 13.86
N GLN D 135 19.89 -23.15 14.43
CA GLN D 135 21.02 -24.06 14.11
C GLN D 135 20.80 -24.59 12.70
N ALA D 136 21.68 -24.19 11.79
CA ALA D 136 21.79 -24.71 10.43
C ALA D 136 23.27 -24.97 10.13
N ASP D 137 23.63 -26.24 10.03
CA ASP D 137 25.04 -26.67 9.87
C ASP D 137 25.32 -27.16 8.43
N LEU D 138 24.38 -27.89 7.85
CA LEU D 138 24.55 -28.47 6.49
C LEU D 138 23.23 -28.33 5.76
N ILE D 139 23.26 -27.99 4.46
CA ILE D 139 22.08 -28.17 3.56
C ILE D 139 22.36 -29.28 2.55
N ILE D 140 21.40 -30.21 2.39
CA ILE D 140 21.38 -31.19 1.27
C ILE D 140 20.31 -30.74 0.28
N TYR D 141 20.75 -30.23 -0.89
CA TYR D 141 19.92 -29.77 -2.03
C TYR D 141 19.56 -30.95 -2.93
N LEU D 142 18.32 -31.44 -2.89
CA LEU D 142 17.79 -32.43 -3.87
C LEU D 142 17.42 -31.64 -5.15
N ARG D 143 18.43 -31.37 -5.98
CA ARG D 143 18.39 -30.55 -7.22
C ARG D 143 17.74 -31.35 -8.35
N THR D 144 16.66 -30.83 -8.92
CA THR D 144 15.85 -31.48 -9.98
C THR D 144 15.71 -30.57 -11.19
N SER D 145 15.30 -31.16 -12.31
CA SER D 145 14.71 -30.50 -13.51
C SER D 145 13.26 -30.23 -13.20
N PRO D 146 12.74 -29.01 -13.48
CA PRO D 146 11.32 -28.76 -13.25
C PRO D 146 10.43 -29.85 -13.86
N GLU D 147 10.80 -30.35 -15.04
CA GLU D 147 9.99 -31.35 -15.78
C GLU D 147 9.93 -32.64 -14.94
N VAL D 148 10.98 -32.96 -14.17
CA VAL D 148 11.02 -34.23 -13.38
C VAL D 148 10.23 -34.04 -12.07
N ALA D 149 10.39 -32.91 -11.39
CA ALA D 149 9.49 -32.46 -10.31
C ALA D 149 8.03 -32.60 -10.75
N TYR D 150 7.71 -32.05 -11.92
CA TYR D 150 6.31 -31.98 -12.45
C TYR D 150 5.72 -33.39 -12.51
N GLU D 151 6.44 -34.36 -13.06
CA GLU D 151 5.90 -35.72 -13.24
C GLU D 151 5.69 -36.44 -11.91
N ARG D 152 6.59 -36.21 -10.95
CA ARG D 152 6.53 -36.87 -9.61
C ARG D 152 5.26 -36.37 -8.91
N ILE D 153 4.96 -35.08 -9.06
CA ILE D 153 3.74 -34.44 -8.50
C ILE D 153 2.47 -35.06 -9.10
N ARG D 154 2.39 -35.15 -10.44
CA ARG D 154 1.24 -35.79 -11.14
C ARG D 154 1.15 -37.26 -10.75
N LYS D 155 2.26 -37.99 -10.73
CA LYS D 155 2.36 -39.39 -10.24
C LYS D 155 1.64 -39.48 -8.87
N ARG D 156 2.05 -38.65 -7.90
CA ARG D 156 1.62 -38.70 -6.47
C ARG D 156 0.11 -38.39 -6.37
N GLY D 157 -0.28 -37.23 -6.92
CA GLY D 157 -1.68 -36.77 -7.07
C GLY D 157 -2.25 -36.22 -5.77
N ARG D 158 -1.43 -35.46 -5.02
CA ARG D 158 -1.90 -34.68 -3.85
C ARG D 158 -3.04 -33.78 -4.31
N PRO D 159 -4.27 -33.95 -3.76
CA PRO D 159 -5.44 -33.18 -4.15
C PRO D 159 -5.17 -31.68 -4.31
N GLU D 160 -4.34 -31.13 -3.43
CA GLU D 160 -3.98 -29.68 -3.38
C GLU D 160 -3.11 -29.26 -4.58
N GLU D 161 -2.34 -30.18 -5.17
CA GLU D 161 -1.33 -29.84 -6.20
C GLU D 161 -1.86 -30.06 -7.63
N LYS D 162 -3.10 -30.54 -7.82
CA LYS D 162 -3.64 -31.01 -9.13
C LYS D 162 -3.67 -29.87 -10.17
N ASN D 163 -3.53 -28.61 -9.78
CA ASN D 163 -3.54 -27.46 -10.71
C ASN D 163 -2.19 -26.74 -10.68
N VAL D 164 -1.16 -27.35 -10.11
CA VAL D 164 0.20 -26.75 -10.15
C VAL D 164 0.76 -26.91 -11.56
N PRO D 165 1.02 -25.80 -12.28
CA PRO D 165 1.58 -25.90 -13.62
C PRO D 165 3.12 -25.97 -13.59
N LEU D 166 3.73 -26.65 -14.56
CA LEU D 166 5.19 -26.70 -14.77
C LEU D 166 5.83 -25.32 -14.48
N GLU D 167 5.20 -24.22 -14.89
CA GLU D 167 5.73 -22.83 -14.80
C GLU D 167 6.10 -22.48 -13.34
N TYR D 168 5.26 -22.94 -12.40
CA TYR D 168 5.37 -22.67 -10.96
C TYR D 168 6.65 -23.34 -10.47
N LEU D 169 6.82 -24.59 -10.90
CA LEU D 169 7.96 -25.48 -10.53
C LEU D 169 9.25 -24.92 -11.14
N GLN D 170 9.17 -24.30 -12.30
CA GLN D 170 10.34 -23.61 -12.93
C GLN D 170 10.69 -22.40 -12.07
N GLN D 171 9.67 -21.66 -11.63
CA GLN D 171 9.91 -20.50 -10.76
C GLN D 171 10.61 -20.99 -9.48
N LEU D 172 10.07 -22.02 -8.84
CA LEU D 172 10.62 -22.54 -7.56
C LEU D 172 12.00 -23.13 -7.82
N HIS D 173 12.24 -23.73 -8.98
CA HIS D 173 13.59 -24.22 -9.36
C HIS D 173 14.59 -23.07 -9.38
N GLN D 174 14.28 -22.03 -10.12
CA GLN D 174 15.20 -20.90 -10.33
C GLN D 174 15.57 -20.30 -8.97
N LEU D 175 14.57 -20.08 -8.12
CA LEU D 175 14.78 -19.46 -6.78
C LEU D 175 15.65 -20.39 -5.90
N HIS D 176 15.43 -21.69 -5.91
CA HIS D 176 16.36 -22.64 -5.22
C HIS D 176 17.78 -22.53 -5.80
N GLU D 177 17.92 -22.28 -7.12
CA GLU D 177 19.23 -22.13 -7.81
C GLU D 177 19.89 -20.85 -7.31
N ASP D 178 19.15 -19.75 -7.23
CA ASP D 178 19.71 -18.44 -6.81
C ASP D 178 20.18 -18.53 -5.36
N TRP D 179 19.47 -19.28 -4.54
CA TRP D 179 19.78 -19.38 -3.09
C TRP D 179 21.01 -20.28 -2.85
N LEU D 180 21.01 -21.49 -3.39
CA LEU D 180 21.86 -22.63 -2.95
C LEU D 180 23.09 -22.83 -3.84
N ILE D 181 22.99 -22.51 -5.14
CA ILE D 181 24.08 -22.58 -6.16
C ILE D 181 24.79 -21.22 -6.32
N HIS D 182 24.04 -20.18 -6.69
CA HIS D 182 24.52 -18.80 -6.99
C HIS D 182 24.76 -17.95 -5.73
N GLN D 183 24.23 -18.32 -4.56
CA GLN D 183 24.51 -17.63 -3.28
C GLN D 183 24.18 -16.13 -3.36
N ARG D 184 22.92 -15.77 -3.67
CA ARG D 184 22.43 -14.37 -3.74
C ARG D 184 21.81 -13.92 -2.40
N ARG D 185 21.30 -14.86 -1.59
CA ARG D 185 20.72 -14.56 -0.24
C ARG D 185 21.86 -14.60 0.79
N PRO D 186 21.65 -14.13 2.05
CA PRO D 186 22.63 -14.36 3.14
C PRO D 186 22.73 -15.83 3.61
N GLN D 187 23.74 -16.58 3.11
CA GLN D 187 23.90 -18.06 3.30
C GLN D 187 24.45 -18.36 4.70
N SER D 188 23.65 -19.08 5.49
CA SER D 188 24.00 -19.55 6.85
C SER D 188 25.24 -20.47 6.79
N CYS D 189 25.27 -21.43 5.84
CA CYS D 189 26.11 -22.66 5.92
C CYS D 189 26.33 -23.34 4.57
N LYS D 190 27.07 -24.45 4.59
CA LYS D 190 27.48 -25.21 3.40
C LYS D 190 26.34 -26.02 2.84
N VAL D 191 26.40 -26.19 1.52
CA VAL D 191 25.41 -26.88 0.67
C VAL D 191 26.12 -28.04 -0.01
N LEU D 192 25.54 -29.24 0.09
CA LEU D 192 25.92 -30.41 -0.73
C LEU D 192 24.71 -30.67 -1.63
N VAL D 193 24.96 -31.09 -2.86
CA VAL D 193 23.95 -31.18 -3.95
C VAL D 193 23.86 -32.61 -4.40
N LEU D 194 22.65 -33.13 -4.48
CA LEU D 194 22.40 -34.46 -5.04
C LEU D 194 21.64 -34.24 -6.35
N ASP D 195 21.91 -35.08 -7.35
CA ASP D 195 21.08 -35.23 -8.56
C ASP D 195 19.77 -35.95 -8.16
N ALA D 196 18.71 -35.20 -7.88
CA ALA D 196 17.42 -35.80 -7.47
C ALA D 196 16.58 -36.08 -8.72
N ASP D 197 17.17 -35.99 -9.91
CA ASP D 197 16.58 -36.62 -11.13
C ASP D 197 16.76 -38.13 -11.06
N LEU D 198 17.75 -38.62 -10.32
CA LEU D 198 17.96 -40.08 -10.15
C LEU D 198 17.03 -40.58 -9.04
N ASN D 199 16.77 -41.88 -9.01
CA ASN D 199 16.12 -42.55 -7.85
C ASN D 199 17.13 -42.57 -6.69
N LEU D 200 16.71 -42.12 -5.51
CA LEU D 200 17.59 -41.91 -4.33
C LEU D 200 17.32 -42.99 -3.27
N GLU D 201 16.50 -43.99 -3.58
CA GLU D 201 16.10 -45.08 -2.66
C GLU D 201 17.31 -45.64 -1.93
N ASN D 202 18.37 -45.94 -2.65
CA ASN D 202 19.51 -46.78 -2.18
C ASN D 202 20.70 -45.89 -1.81
N ILE D 203 20.56 -44.57 -1.80
CA ILE D 203 21.68 -43.68 -1.39
C ILE D 203 22.12 -44.02 0.06
N GLY D 204 23.41 -43.94 0.36
CA GLY D 204 23.99 -44.15 1.70
C GLY D 204 24.09 -45.61 2.06
N THR D 205 23.64 -46.52 1.19
CA THR D 205 23.46 -47.97 1.50
C THR D 205 24.78 -48.71 1.60
N GLU D 206 25.90 -48.15 1.12
CA GLU D 206 27.28 -48.64 1.41
C GLU D 206 27.55 -48.56 2.92
N TYR D 207 26.97 -47.59 3.65
CA TYR D 207 27.09 -47.52 5.13
C TYR D 207 26.01 -48.39 5.76
N GLN D 208 26.37 -49.29 6.67
CA GLN D 208 25.38 -50.12 7.41
C GLN D 208 25.64 -50.00 8.91
N ARG D 209 24.57 -49.95 9.70
CA ARG D 209 24.65 -50.06 11.18
C ARG D 209 25.31 -51.39 11.60
N SER D 210 26.23 -51.31 12.55
CA SER D 210 26.89 -52.50 13.15
C SER D 210 25.81 -53.40 13.76
N GLU D 211 24.76 -52.81 14.35
CA GLU D 211 23.58 -53.54 14.91
C GLU D 211 22.79 -54.36 13.85
N SER D 212 22.93 -54.10 12.56
CA SER D 212 22.27 -54.86 11.47
C SER D 212 22.48 -56.37 11.64
N SER D 213 21.49 -57.17 11.32
CA SER D 213 21.59 -58.64 11.37
C SER D 213 22.57 -59.11 10.29
N ILE D 214 22.94 -58.28 9.29
CA ILE D 214 23.98 -58.69 8.28
C ILE D 214 25.34 -58.88 8.99
N PHE D 215 25.53 -58.39 10.23
CA PHE D 215 26.80 -58.54 11.00
C PHE D 215 26.63 -59.53 12.14
N ASP D 216 25.50 -60.24 12.17
CA ASP D 216 25.26 -61.40 13.08
C ASP D 216 26.11 -62.58 12.63
N ALA D 217 26.54 -63.40 13.58
CA ALA D 217 27.42 -64.57 13.35
C ALA D 217 26.77 -65.60 12.43
N ILE D 218 27.60 -66.20 11.55
CA ILE D 218 27.32 -67.39 10.68
C ILE D 218 28.47 -68.41 10.89
N SER D 219 28.16 -69.71 11.01
CA SER D 219 29.15 -70.83 11.11
C SER D 219 29.98 -70.90 9.82
N MET E 1 42.18 16.47 10.25
CA MET E 1 41.66 15.09 10.07
C MET E 1 40.17 15.13 9.66
N LYS E 2 39.88 14.44 8.56
CA LYS E 2 38.54 14.25 7.96
C LYS E 2 37.88 13.02 8.58
N TYR E 3 36.55 12.94 8.47
CA TYR E 3 35.73 11.78 8.84
C TYR E 3 36.17 10.57 8.00
N ALA E 4 36.37 9.42 8.66
CA ALA E 4 36.52 8.08 8.05
C ALA E 4 37.81 7.96 7.20
N GLU E 5 38.92 8.50 7.70
CA GLU E 5 40.29 8.37 7.13
C GLU E 5 40.72 6.91 7.19
N GLY E 6 40.20 6.19 8.17
CA GLY E 6 40.39 4.73 8.36
C GLY E 6 39.87 3.90 7.21
N THR E 7 38.78 4.35 6.55
CA THR E 7 38.23 3.65 5.36
C THR E 7 39.13 3.95 4.14
N ARG E 8 40.16 3.11 3.97
CA ARG E 8 41.17 3.20 2.88
C ARG E 8 41.34 1.89 2.11
N PRO E 9 40.28 1.11 1.75
CA PRO E 9 40.42 0.05 0.72
C PRO E 9 40.72 0.57 -0.69
N PHE E 10 41.31 -0.26 -1.57
CA PHE E 10 41.48 0.11 -2.99
C PHE E 10 40.07 0.29 -3.54
N THR E 11 39.69 1.54 -3.86
CA THR E 11 38.31 1.88 -4.25
C THR E 11 38.26 2.13 -5.76
N ILE E 12 37.41 1.35 -6.41
CA ILE E 12 37.17 1.43 -7.89
C ILE E 12 35.79 2.06 -8.08
N LEU E 13 35.77 3.14 -8.86
CA LEU E 13 34.54 3.84 -9.28
C LEU E 13 34.24 3.48 -10.72
N ILE E 14 33.05 2.90 -10.96
CA ILE E 14 32.47 2.53 -12.28
C ILE E 14 31.55 3.67 -12.75
N GLU E 15 31.79 4.20 -13.94
CA GLU E 15 31.23 5.49 -14.37
C GLU E 15 30.77 5.32 -15.82
N GLY E 16 29.68 5.99 -16.16
CA GLY E 16 29.02 5.80 -17.45
C GLY E 16 27.69 6.52 -17.51
N ASN E 17 27.19 6.68 -18.72
CA ASN E 17 25.81 7.17 -18.99
C ASN E 17 24.80 6.16 -18.43
N ILE E 18 23.56 6.58 -18.28
CA ILE E 18 22.40 5.64 -18.22
C ILE E 18 22.42 4.79 -19.50
N GLY E 19 22.38 3.46 -19.37
CA GLY E 19 22.47 2.52 -20.51
C GLY E 19 23.88 2.16 -20.97
N SER E 20 24.94 2.44 -20.19
CA SER E 20 26.35 2.16 -20.57
C SER E 20 26.80 0.73 -20.21
N GLY E 21 25.97 -0.08 -19.53
CA GLY E 21 26.23 -1.51 -19.29
C GLY E 21 26.76 -1.76 -17.89
N LYS E 22 26.54 -0.79 -16.99
CA LYS E 22 27.17 -0.74 -15.66
C LYS E 22 26.73 -1.99 -14.91
N THR E 23 25.41 -2.15 -14.75
CA THR E 23 24.76 -3.28 -14.03
C THR E 23 25.26 -4.64 -14.54
N THR E 24 25.42 -4.84 -15.86
CA THR E 24 26.02 -6.08 -16.43
C THR E 24 27.46 -6.19 -15.91
N TYR E 25 28.28 -5.16 -16.17
CA TYR E 25 29.70 -5.08 -15.72
C TYR E 25 29.78 -5.38 -14.22
N LEU E 26 29.00 -4.69 -13.39
CA LEU E 26 29.03 -4.87 -11.92
C LEU E 26 28.64 -6.32 -11.52
N ASN E 27 27.72 -6.96 -12.25
CA ASN E 27 27.21 -8.31 -11.88
C ASN E 27 28.36 -9.34 -11.93
N HIS E 28 29.20 -9.25 -12.96
CA HIS E 28 30.43 -10.08 -13.13
C HIS E 28 31.35 -9.97 -11.90
N PHE E 29 31.21 -8.98 -11.02
CA PHE E 29 32.05 -8.89 -9.80
C PHE E 29 31.39 -9.63 -8.64
N GLU E 30 30.18 -10.20 -8.83
CA GLU E 30 29.36 -10.78 -7.72
C GLU E 30 30.05 -12.04 -7.18
N LYS E 31 30.70 -12.80 -8.05
CA LYS E 31 31.51 -14.01 -7.76
C LYS E 31 32.67 -13.69 -6.78
N TYR E 32 33.10 -12.42 -6.70
CA TYR E 32 34.18 -11.96 -5.79
C TYR E 32 33.65 -11.32 -4.49
N LYS E 33 32.34 -11.36 -4.23
CA LYS E 33 31.66 -10.70 -3.07
C LYS E 33 32.44 -11.04 -1.79
N ASP E 34 33.00 -12.24 -1.74
CA ASP E 34 33.71 -12.78 -0.55
C ASP E 34 34.83 -11.81 -0.15
N ASP E 35 35.53 -11.21 -1.12
CA ASP E 35 36.85 -10.52 -0.99
C ASP E 35 36.74 -9.03 -1.33
N ILE E 36 35.66 -8.64 -2.01
CA ILE E 36 35.38 -7.26 -2.49
C ILE E 36 34.11 -6.75 -1.80
N CYS E 37 34.16 -5.54 -1.26
CA CYS E 37 32.97 -4.70 -0.93
C CYS E 37 32.34 -4.19 -2.23
N LEU E 38 31.24 -4.77 -2.66
CA LEU E 38 30.60 -4.48 -3.96
C LEU E 38 29.30 -3.70 -3.72
N LEU E 39 29.25 -2.44 -4.17
CA LEU E 39 28.21 -1.45 -3.79
C LEU E 39 27.57 -0.90 -5.05
N THR E 40 26.41 -1.42 -5.42
CA THR E 40 25.66 -1.01 -6.64
C THR E 40 24.87 0.25 -6.29
N GLU E 41 24.28 0.89 -7.30
CA GLU E 41 23.51 2.17 -7.20
C GLU E 41 22.36 1.98 -6.20
N PRO E 42 22.24 2.83 -5.14
CA PRO E 42 21.24 2.65 -4.09
C PRO E 42 19.90 3.22 -4.57
N VAL E 43 19.42 2.72 -5.70
CA VAL E 43 18.16 3.18 -6.34
C VAL E 43 17.02 2.98 -5.32
N GLU E 44 17.16 2.00 -4.42
CA GLU E 44 16.08 1.58 -3.49
C GLU E 44 15.95 2.64 -2.39
N LYS E 45 17.06 3.13 -1.85
CA LYS E 45 17.09 4.29 -0.92
C LYS E 45 16.45 5.52 -1.56
N TRP E 46 16.60 5.76 -2.87
CA TRP E 46 16.04 6.97 -3.51
C TRP E 46 14.52 6.82 -3.63
N ARG E 47 14.05 5.57 -3.83
CA ARG E 47 12.60 5.20 -4.03
C ARG E 47 11.83 5.18 -2.70
N ASN E 48 12.51 5.02 -1.56
CA ASN E 48 11.91 4.99 -0.19
C ASN E 48 12.79 5.80 0.78
N VAL E 49 12.54 7.12 0.89
CA VAL E 49 13.20 8.09 1.83
C VAL E 49 12.26 8.28 3.05
N ASN E 50 12.36 7.41 4.06
CA ASN E 50 11.35 7.19 5.15
C ASN E 50 9.93 7.33 4.57
N GLY E 51 9.64 6.65 3.46
CA GLY E 51 8.29 6.53 2.88
C GLY E 51 8.11 7.23 1.54
N VAL E 52 8.96 8.19 1.19
CA VAL E 52 8.77 9.05 -0.02
C VAL E 52 9.66 8.52 -1.17
N ASN E 53 9.08 8.46 -2.37
CA ASN E 53 9.79 8.08 -3.63
C ASN E 53 10.28 9.39 -4.29
N LEU E 54 11.50 9.84 -3.98
CA LEU E 54 12.08 11.11 -4.53
C LEU E 54 12.40 10.91 -6.02
N LEU E 55 12.75 9.69 -6.47
CA LEU E 55 13.09 9.34 -7.88
C LEU E 55 11.88 9.58 -8.78
N GLU E 56 10.74 8.94 -8.45
CA GLU E 56 9.42 9.17 -9.12
C GLU E 56 9.18 10.69 -9.20
N LEU E 57 9.19 11.37 -8.04
CA LEU E 57 8.94 12.84 -7.90
C LEU E 57 9.93 13.68 -8.72
N MET E 58 11.11 13.13 -9.01
CA MET E 58 12.17 13.79 -9.82
C MET E 58 11.77 13.72 -11.30
N TYR E 59 11.61 12.50 -11.85
CA TYR E 59 11.24 12.23 -13.26
C TYR E 59 9.87 12.88 -13.58
N LYS E 60 9.03 13.14 -12.56
CA LYS E 60 7.63 13.62 -12.72
C LYS E 60 7.55 15.15 -12.68
N ASP E 61 8.41 15.86 -11.92
CA ASP E 61 8.48 17.35 -11.85
C ASP E 61 9.89 17.82 -11.46
N PRO E 62 10.91 17.70 -12.35
CA PRO E 62 12.30 17.98 -11.98
C PRO E 62 12.55 19.41 -11.45
N LYS E 63 11.89 20.39 -12.04
CA LYS E 63 12.09 21.79 -11.61
C LYS E 63 11.90 21.86 -10.09
N LYS E 64 10.91 21.17 -9.54
CA LYS E 64 10.65 21.20 -8.07
C LYS E 64 11.70 20.35 -7.34
N TRP E 65 11.95 19.12 -7.80
CA TRP E 65 12.56 18.06 -6.97
C TRP E 65 14.06 17.87 -7.23
N ALA E 66 14.66 18.67 -8.10
CA ALA E 66 16.10 18.61 -8.47
C ALA E 66 16.98 18.80 -7.24
N MET E 67 16.85 19.92 -6.50
CA MET E 67 17.66 20.13 -5.28
C MET E 67 17.48 18.96 -4.32
N PRO E 68 16.27 18.66 -3.80
CA PRO E 68 16.10 17.56 -2.84
C PRO E 68 16.65 16.19 -3.30
N PHE E 69 16.30 15.76 -4.51
CA PHE E 69 16.72 14.48 -5.10
C PHE E 69 18.26 14.38 -5.13
N VAL E 70 18.92 15.33 -5.79
CA VAL E 70 20.40 15.33 -5.98
C VAL E 70 21.09 15.46 -4.62
N SER E 71 20.53 16.27 -3.70
CA SER E 71 20.99 16.41 -2.30
C SER E 71 20.99 15.02 -1.66
N TYR E 72 19.87 14.27 -1.76
CA TYR E 72 19.74 12.93 -1.14
C TYR E 72 20.66 11.92 -1.85
N VAL E 73 20.77 12.00 -3.17
CA VAL E 73 21.67 11.11 -3.98
C VAL E 73 23.13 11.29 -3.48
N THR E 74 23.59 12.55 -3.38
CA THR E 74 24.95 12.91 -2.86
C THR E 74 25.18 12.20 -1.51
N LEU E 75 24.21 12.22 -0.61
CA LEU E 75 24.28 11.58 0.75
C LEU E 75 24.45 10.07 0.62
N THR E 76 23.73 9.39 -0.27
CA THR E 76 23.84 7.91 -0.40
C THR E 76 25.21 7.55 -0.99
N MET E 77 25.71 8.32 -1.96
CA MET E 77 27.10 8.14 -2.47
C MET E 77 28.12 8.32 -1.33
N LEU E 78 27.90 9.28 -0.42
CA LEU E 78 28.83 9.64 0.68
C LEU E 78 28.82 8.50 1.69
N GLN E 79 27.64 7.97 2.01
CA GLN E 79 27.49 6.73 2.83
C GLN E 79 28.34 5.63 2.19
N MET E 80 28.20 5.40 0.87
CA MET E 80 28.91 4.29 0.19
C MET E 80 30.43 4.55 0.24
N HIS E 81 30.86 5.78 -0.08
CA HIS E 81 32.28 6.20 -0.04
C HIS E 81 32.89 5.91 1.34
N THR E 82 32.16 6.23 2.41
CA THR E 82 32.65 6.21 3.81
C THR E 82 32.45 4.81 4.43
N GLN E 83 31.57 3.97 3.87
CA GLN E 83 31.24 2.64 4.46
C GLN E 83 32.56 1.94 4.79
N PRO E 84 32.81 1.54 6.06
CA PRO E 84 34.00 0.76 6.42
C PRO E 84 33.84 -0.71 6.01
N THR E 85 34.95 -1.38 5.70
CA THR E 85 34.92 -2.80 5.23
C THR E 85 36.24 -3.50 5.57
N ASN E 86 36.17 -4.80 5.89
CA ASN E 86 37.35 -5.67 6.19
C ASN E 86 37.95 -6.18 4.87
N LYS E 87 37.22 -6.10 3.75
CA LYS E 87 37.71 -6.47 2.37
C LYS E 87 38.74 -5.44 1.89
N LYS E 88 39.65 -5.83 0.99
CA LYS E 88 40.84 -5.03 0.59
C LYS E 88 40.50 -4.11 -0.59
N VAL E 89 39.36 -4.40 -1.25
CA VAL E 89 38.87 -3.75 -2.51
C VAL E 89 37.41 -3.32 -2.29
N LYS E 90 37.08 -2.07 -2.67
CA LYS E 90 35.69 -1.59 -2.79
C LYS E 90 35.43 -1.20 -4.27
N ILE E 91 34.34 -1.74 -4.83
CA ILE E 91 33.91 -1.36 -6.21
C ILE E 91 32.56 -0.65 -6.06
N MET E 92 32.49 0.59 -6.52
CA MET E 92 31.29 1.45 -6.34
C MET E 92 30.68 1.75 -7.72
N GLU E 93 29.37 1.58 -7.87
CA GLU E 93 28.61 2.07 -9.06
C GLU E 93 28.40 3.59 -8.92
N ARG E 94 29.11 4.39 -9.74
CA ARG E 94 29.11 5.88 -9.70
C ARG E 94 29.73 6.37 -8.38
N SER E 95 29.55 7.66 -8.05
CA SER E 95 30.40 8.42 -7.10
C SER E 95 29.78 9.80 -6.84
N ILE E 96 30.24 10.46 -5.79
CA ILE E 96 29.86 11.87 -5.52
C ILE E 96 30.41 12.76 -6.66
N PHE E 97 31.47 12.30 -7.33
CA PHE E 97 32.13 13.10 -8.41
C PHE E 97 31.21 13.11 -9.62
N SER E 98 30.61 11.98 -9.99
CA SER E 98 29.64 11.87 -11.12
C SER E 98 28.36 12.60 -10.72
N ALA E 99 28.01 12.61 -9.44
CA ALA E 99 26.90 13.47 -8.95
C ALA E 99 27.25 14.94 -9.22
N ARG E 100 28.41 15.40 -8.81
CA ARG E 100 28.66 16.87 -8.85
C ARG E 100 28.93 17.32 -10.28
N TYR E 101 29.76 16.57 -11.01
CA TYR E 101 30.37 17.00 -12.30
C TYR E 101 29.52 16.61 -13.50
N CYS E 102 28.61 15.63 -13.34
CA CYS E 102 27.64 15.22 -14.40
C CYS E 102 26.20 15.60 -14.02
N PHE E 103 25.63 14.98 -12.99
CA PHE E 103 24.17 15.01 -12.69
C PHE E 103 23.75 16.42 -12.27
N VAL E 104 24.39 16.99 -11.24
CA VAL E 104 24.11 18.36 -10.72
C VAL E 104 24.27 19.36 -11.86
N GLU E 105 25.28 19.15 -12.70
CA GLU E 105 25.76 20.15 -13.68
C GLU E 105 24.74 20.21 -14.81
N ASN E 106 24.23 19.05 -15.22
CA ASN E 106 23.15 18.90 -16.21
C ASN E 106 21.86 19.58 -15.72
N MET E 107 21.43 19.33 -14.48
CA MET E 107 20.20 19.92 -13.88
C MET E 107 20.27 21.44 -13.94
N ARG E 108 21.45 22.02 -13.71
CA ARG E 108 21.69 23.48 -13.77
C ARG E 108 21.42 23.96 -15.19
N ARG E 109 22.04 23.29 -16.18
CA ARG E 109 22.00 23.66 -17.62
C ARG E 109 20.57 23.55 -18.15
N ASN E 110 19.76 22.63 -17.61
CA ASN E 110 18.34 22.39 -18.03
C ASN E 110 17.40 23.29 -17.22
N GLY E 111 17.95 24.11 -16.34
CA GLY E 111 17.20 25.09 -15.54
C GLY E 111 16.54 24.50 -14.30
N TRP E 112 16.75 23.22 -13.98
CA TRP E 112 16.08 22.53 -12.82
C TRP E 112 16.69 22.94 -11.46
N LEU E 113 17.88 23.56 -11.45
CA LEU E 113 18.55 24.20 -10.29
C LEU E 113 18.89 25.63 -10.67
N GLU E 114 18.17 26.61 -10.15
CA GLU E 114 18.47 28.05 -10.35
C GLU E 114 19.86 28.35 -9.77
N GLN E 115 20.44 29.52 -10.05
CA GLN E 115 21.87 29.83 -9.71
C GLN E 115 22.07 29.78 -8.20
N GLY E 116 21.05 30.19 -7.43
CA GLY E 116 21.01 30.14 -5.96
C GLY E 116 21.19 28.74 -5.41
N MET E 117 20.44 27.77 -5.96
CA MET E 117 20.45 26.33 -5.55
C MET E 117 21.75 25.60 -5.96
N TYR E 118 22.31 25.91 -7.14
CA TYR E 118 23.57 25.31 -7.68
C TYR E 118 24.77 25.80 -6.85
N ASN E 119 24.83 27.10 -6.51
CA ASN E 119 25.93 27.71 -5.71
C ASN E 119 25.96 27.06 -4.32
N THR E 120 24.80 26.82 -3.73
CA THR E 120 24.62 26.15 -2.41
C THR E 120 25.18 24.73 -2.52
N LEU E 121 24.87 24.00 -3.59
CA LEU E 121 25.34 22.61 -3.79
C LEU E 121 26.88 22.58 -3.84
N GLU E 122 27.46 23.50 -4.61
CA GLU E 122 28.93 23.59 -4.84
C GLU E 122 29.65 23.95 -3.53
N GLU E 123 29.13 24.92 -2.78
CA GLU E 123 29.64 25.28 -1.42
C GLU E 123 29.67 24.04 -0.54
N TRP E 124 28.61 23.20 -0.59
CA TRP E 124 28.54 21.92 0.17
C TRP E 124 29.55 20.93 -0.39
N TYR E 125 29.73 20.85 -1.69
CA TYR E 125 30.74 19.89 -2.23
C TYR E 125 32.12 20.29 -1.66
N LYS E 126 32.47 21.57 -1.78
CA LYS E 126 33.74 22.16 -1.26
C LYS E 126 33.89 21.77 0.20
N PHE E 127 32.81 21.89 0.99
CA PHE E 127 32.85 21.54 2.43
C PHE E 127 33.09 20.03 2.56
N ILE E 128 32.45 19.19 1.75
CA ILE E 128 32.57 17.71 1.87
C ILE E 128 34.00 17.32 1.50
N GLU E 129 34.55 17.94 0.45
CA GLU E 129 35.99 17.81 0.07
C GLU E 129 36.88 18.01 1.31
N GLU E 130 36.65 19.04 2.12
CA GLU E 130 37.52 19.44 3.27
C GLU E 130 37.27 18.56 4.50
N SER E 131 36.08 17.98 4.67
CA SER E 131 35.63 17.36 5.95
C SER E 131 35.55 15.83 5.88
N ILE E 132 35.34 15.24 4.71
CA ILE E 132 35.11 13.77 4.61
C ILE E 132 36.21 13.17 3.73
N HIS E 133 36.84 12.09 4.20
CA HIS E 133 37.80 11.31 3.38
C HIS E 133 37.02 10.49 2.34
N ILE E 134 37.39 10.66 1.08
CA ILE E 134 36.77 9.98 -0.11
C ILE E 134 37.87 9.22 -0.85
N GLN E 135 38.06 7.96 -0.50
CA GLN E 135 39.00 7.05 -1.18
C GLN E 135 38.51 6.86 -2.61
N ALA E 136 39.35 7.27 -3.58
CA ALA E 136 39.15 7.05 -5.03
C ALA E 136 40.49 6.68 -5.69
N ASP E 137 40.71 5.40 -6.00
CA ASP E 137 42.04 4.88 -6.46
C ASP E 137 42.03 4.58 -7.95
N LEU E 138 40.84 4.26 -8.52
CA LEU E 138 40.68 3.92 -9.96
C LEU E 138 39.25 4.23 -10.44
N ILE E 139 39.12 4.82 -11.60
CA ILE E 139 37.80 4.93 -12.29
C ILE E 139 37.86 4.06 -13.55
N ILE E 140 36.87 3.19 -13.69
CA ILE E 140 36.55 2.47 -14.95
C ILE E 140 35.39 3.26 -15.60
N TYR E 141 35.64 3.77 -16.80
CA TYR E 141 34.69 4.55 -17.60
C TYR E 141 34.10 3.66 -18.69
N LEU E 142 32.80 3.31 -18.59
CA LEU E 142 32.06 2.48 -19.59
C LEU E 142 31.55 3.43 -20.67
N ARG E 143 32.42 3.76 -21.58
CA ARG E 143 32.19 4.84 -22.58
C ARG E 143 31.27 4.28 -23.68
N THR E 144 30.17 4.98 -23.95
CA THR E 144 29.19 4.67 -25.02
C THR E 144 28.98 5.87 -25.95
N SER E 145 28.46 5.63 -27.16
CA SER E 145 27.68 6.64 -27.94
C SER E 145 26.30 6.77 -27.29
N PRO E 146 25.72 8.00 -27.21
CA PRO E 146 24.38 8.18 -26.65
C PRO E 146 23.30 7.30 -27.29
N GLU E 147 23.40 7.11 -28.60
CA GLU E 147 22.49 6.29 -29.47
C GLU E 147 22.47 4.85 -28.94
N VAL E 148 23.64 4.23 -28.81
CA VAL E 148 23.80 2.83 -28.28
C VAL E 148 23.31 2.75 -26.83
N ALA E 149 23.60 3.74 -25.99
CA ALA E 149 23.07 3.82 -24.60
C ALA E 149 21.53 3.90 -24.61
N TYR E 150 20.97 4.74 -25.48
CA TYR E 150 19.49 4.91 -25.60
C TYR E 150 18.87 3.55 -25.97
N GLU E 151 19.51 2.78 -26.84
CA GLU E 151 19.00 1.47 -27.36
C GLU E 151 18.95 0.45 -26.22
N ARG E 152 19.99 0.38 -25.39
CA ARG E 152 20.03 -0.48 -24.18
C ARG E 152 18.90 -0.10 -23.24
N ILE E 153 18.67 1.20 -23.06
CA ILE E 153 17.64 1.65 -22.09
C ILE E 153 16.32 1.01 -22.52
N ARG E 154 15.94 1.18 -23.80
CA ARG E 154 14.60 0.77 -24.29
C ARG E 154 14.51 -0.76 -24.40
N LYS E 155 15.64 -1.48 -24.50
CA LYS E 155 15.64 -2.96 -24.47
C LYS E 155 15.38 -3.48 -23.05
N ARG E 156 15.83 -2.76 -22.02
CA ARG E 156 15.65 -3.10 -20.58
C ARG E 156 14.18 -2.88 -20.16
N GLY E 157 13.63 -1.66 -20.29
CA GLY E 157 12.24 -1.32 -19.91
C GLY E 157 12.06 -1.08 -18.42
N ARG E 158 13.15 -0.79 -17.67
CA ARG E 158 13.09 -0.34 -16.25
C ARG E 158 12.22 0.92 -16.16
N PRO E 159 11.12 0.89 -15.38
CA PRO E 159 10.09 1.93 -15.42
C PRO E 159 10.51 3.41 -15.51
N GLU E 160 11.33 3.89 -14.56
CA GLU E 160 11.71 5.33 -14.45
C GLU E 160 12.42 5.78 -15.74
N GLU E 161 13.30 4.93 -16.28
CA GLU E 161 14.25 5.21 -17.40
C GLU E 161 13.51 5.36 -18.74
N LYS E 162 12.45 4.58 -18.95
CA LYS E 162 11.69 4.52 -20.23
C LYS E 162 11.24 5.92 -20.67
N ASN E 163 11.24 6.93 -19.77
CA ASN E 163 10.79 8.33 -20.06
C ASN E 163 11.99 9.26 -20.26
N VAL E 164 13.21 8.73 -20.49
CA VAL E 164 14.47 9.53 -20.61
C VAL E 164 14.74 9.76 -22.11
N PRO E 165 14.69 11.01 -22.57
CA PRO E 165 14.89 11.28 -24.00
C PRO E 165 16.38 11.16 -24.40
N LEU E 166 16.62 10.79 -25.65
CA LEU E 166 17.96 10.74 -26.24
C LEU E 166 18.78 11.97 -25.79
N GLU E 167 18.19 13.17 -25.81
CA GLU E 167 18.89 14.48 -25.63
C GLU E 167 19.57 14.48 -24.24
N TYR E 168 18.90 13.88 -23.26
CA TYR E 168 19.37 13.79 -21.87
C TYR E 168 20.60 12.88 -21.85
N LEU E 169 20.60 11.77 -22.61
CA LEU E 169 21.79 10.89 -22.72
C LEU E 169 22.92 11.63 -23.43
N GLN E 170 22.60 12.49 -24.40
CA GLN E 170 23.60 13.25 -25.16
C GLN E 170 24.23 14.32 -24.26
N GLN E 171 23.45 14.96 -23.38
CA GLN E 171 24.01 15.94 -22.41
C GLN E 171 24.93 15.18 -21.42
N LEU E 172 24.44 14.11 -20.78
CA LEU E 172 25.22 13.36 -19.76
C LEU E 172 26.46 12.78 -20.44
N HIS E 173 26.38 12.39 -21.73
CA HIS E 173 27.53 11.89 -22.50
C HIS E 173 28.64 12.95 -22.57
N GLN E 174 28.33 14.19 -22.94
CA GLN E 174 29.31 15.29 -23.09
C GLN E 174 29.96 15.64 -21.73
N LEU E 175 29.17 15.66 -20.65
CA LEU E 175 29.65 15.90 -19.27
C LEU E 175 30.59 14.77 -18.81
N HIS E 176 30.36 13.50 -19.18
CA HIS E 176 31.30 12.42 -18.77
C HIS E 176 32.62 12.57 -19.57
N GLU E 177 32.53 12.99 -20.83
CA GLU E 177 33.66 13.19 -21.77
C GLU E 177 34.52 14.35 -21.24
N ASP E 178 33.90 15.49 -20.88
CA ASP E 178 34.60 16.67 -20.31
C ASP E 178 35.33 16.32 -19.00
N TRP E 179 34.82 15.35 -18.20
CA TRP E 179 35.37 14.99 -16.86
C TRP E 179 36.44 13.89 -16.98
N LEU E 180 36.14 12.79 -17.68
CA LEU E 180 37.00 11.58 -17.70
C LEU E 180 37.94 11.52 -18.92
N ILE E 181 37.72 12.24 -20.02
CA ILE E 181 38.63 12.25 -21.21
C ILE E 181 39.36 13.62 -21.30
N HIS E 182 38.62 14.73 -21.28
CA HIS E 182 39.12 16.12 -21.48
C HIS E 182 39.75 16.69 -20.18
N GLN E 183 39.47 16.09 -19.01
CA GLN E 183 39.96 16.48 -17.67
C GLN E 183 39.72 17.97 -17.36
N ARG E 184 38.54 18.49 -17.67
CA ARG E 184 38.13 19.87 -17.31
C ARG E 184 37.58 19.96 -15.89
N ARG E 185 37.60 18.90 -15.09
CA ARG E 185 37.16 18.91 -13.67
C ARG E 185 38.34 18.45 -12.82
N PRO E 186 38.41 18.77 -11.51
CA PRO E 186 39.45 18.22 -10.64
C PRO E 186 39.48 16.68 -10.61
N GLN E 187 40.38 16.10 -11.41
CA GLN E 187 40.63 14.64 -11.54
C GLN E 187 41.18 14.09 -10.23
N SER E 188 40.45 13.14 -9.63
CA SER E 188 40.70 12.54 -8.30
C SER E 188 41.61 11.33 -8.41
N CYS E 189 41.65 10.65 -9.57
CA CYS E 189 42.48 9.42 -9.80
C CYS E 189 42.48 8.98 -11.26
N LYS E 190 43.25 7.93 -11.54
CA LYS E 190 43.43 7.35 -12.90
C LYS E 190 42.11 6.80 -13.45
N VAL E 191 41.99 6.85 -14.78
CA VAL E 191 40.83 6.39 -15.58
C VAL E 191 41.23 5.31 -16.61
N LEU E 192 40.68 4.11 -16.47
CA LEU E 192 40.67 3.10 -17.56
C LEU E 192 39.30 3.18 -18.27
N VAL E 193 39.34 3.15 -19.60
CA VAL E 193 38.15 3.28 -20.50
C VAL E 193 37.85 1.93 -21.17
N LEU E 194 36.57 1.52 -21.14
CA LEU E 194 36.01 0.34 -21.88
C LEU E 194 35.17 0.91 -23.03
N ASP E 195 35.34 0.42 -24.25
CA ASP E 195 34.34 0.59 -25.34
C ASP E 195 33.05 -0.17 -24.98
N ALA E 196 32.22 0.43 -24.11
CA ALA E 196 30.93 -0.13 -23.65
C ALA E 196 29.86 -0.08 -24.77
N ASP E 197 30.19 0.35 -25.99
CA ASP E 197 29.30 0.12 -27.16
C ASP E 197 29.20 -1.40 -27.39
N LEU E 198 30.29 -2.14 -27.15
CA LEU E 198 30.36 -3.63 -27.33
C LEU E 198 29.62 -4.30 -26.16
N ASN E 199 29.42 -5.62 -26.26
CA ASN E 199 28.74 -6.49 -25.25
C ASN E 199 29.79 -6.89 -24.20
N LEU E 200 29.56 -6.54 -22.92
CA LEU E 200 30.53 -6.67 -21.78
C LEU E 200 30.08 -7.82 -20.89
N GLU E 201 29.31 -8.78 -21.44
CA GLU E 201 28.81 -9.96 -20.72
C GLU E 201 30.00 -10.88 -20.41
N ASN E 202 31.05 -10.87 -21.24
CA ASN E 202 32.20 -11.83 -21.19
C ASN E 202 33.47 -11.19 -20.59
N ILE E 203 33.46 -9.90 -20.25
CA ILE E 203 34.66 -9.18 -19.73
C ILE E 203 35.26 -9.89 -18.49
N GLY E 204 36.55 -10.22 -18.60
CA GLY E 204 37.38 -10.76 -17.51
C GLY E 204 37.26 -12.26 -17.34
N THR E 205 36.52 -12.95 -18.23
CA THR E 205 36.20 -14.41 -18.10
C THR E 205 37.48 -15.22 -18.37
N GLU E 206 38.55 -14.58 -18.89
CA GLU E 206 39.89 -15.24 -19.03
C GLU E 206 40.45 -15.55 -17.63
N TYR E 207 40.03 -14.79 -16.60
CA TYR E 207 40.40 -14.96 -15.17
C TYR E 207 39.37 -15.85 -14.47
N GLN E 208 39.77 -16.99 -13.89
CA GLN E 208 38.84 -18.05 -13.36
C GLN E 208 39.16 -18.29 -11.89
N ARG E 209 38.19 -18.21 -10.96
CA ARG E 209 38.51 -18.24 -9.50
C ARG E 209 38.68 -19.70 -9.04
N MET F 1 37.19 8.53 13.37
CA MET F 1 37.29 9.88 13.98
C MET F 1 36.44 10.89 13.17
N LYS F 2 35.89 11.91 13.83
CA LYS F 2 35.01 12.95 13.20
C LYS F 2 35.88 14.09 12.69
N TYR F 3 35.34 14.85 11.73
CA TYR F 3 36.02 16.06 11.18
C TYR F 3 36.14 17.10 12.29
N ALA F 4 37.31 17.78 12.31
CA ALA F 4 37.64 18.88 13.24
C ALA F 4 37.41 18.49 14.72
N GLU F 5 37.84 17.31 15.16
CA GLU F 5 37.89 16.92 16.60
C GLU F 5 38.87 17.83 17.36
N GLY F 6 39.83 18.47 16.67
CA GLY F 6 40.81 19.41 17.26
C GLY F 6 40.23 20.72 17.77
N THR F 7 38.99 21.07 17.34
CA THR F 7 38.23 22.30 17.73
C THR F 7 37.38 21.94 18.94
N ARG F 8 37.91 22.20 20.14
CA ARG F 8 37.32 21.79 21.45
C ARG F 8 37.33 22.93 22.46
N PRO F 9 37.29 24.23 22.06
CA PRO F 9 37.20 25.31 23.05
C PRO F 9 35.88 25.17 23.81
N PHE F 10 35.73 25.89 24.92
CA PHE F 10 34.46 25.97 25.67
C PHE F 10 33.49 26.77 24.79
N THR F 11 32.52 26.06 24.23
CA THR F 11 31.67 26.63 23.14
C THR F 11 30.26 26.88 23.68
N ILE F 12 29.85 28.15 23.62
CA ILE F 12 28.58 28.65 24.16
C ILE F 12 27.69 29.06 22.99
N LEU F 13 26.52 28.44 22.89
CA LEU F 13 25.48 28.73 21.87
C LEU F 13 24.45 29.68 22.48
N ILE F 14 24.22 30.78 21.78
CA ILE F 14 23.21 31.82 22.09
C ILE F 14 22.03 31.55 21.17
N GLU F 15 20.91 31.21 21.81
CA GLU F 15 19.66 30.75 21.17
C GLU F 15 18.53 31.74 21.53
N GLY F 16 17.49 31.79 20.72
CA GLY F 16 16.39 32.75 20.91
C GLY F 16 15.55 32.91 19.65
N ASN F 17 14.32 33.35 19.87
CA ASN F 17 13.37 33.77 18.81
C ASN F 17 14.02 34.97 18.12
N ILE F 18 13.50 35.37 16.95
CA ILE F 18 13.86 36.64 16.26
C ILE F 18 13.40 37.78 17.18
N GLY F 19 14.24 38.78 17.41
CA GLY F 19 13.93 39.94 18.28
C GLY F 19 14.15 39.67 19.77
N SER F 20 15.00 38.70 20.13
CA SER F 20 15.29 38.33 21.55
C SER F 20 16.51 39.10 22.06
N GLY F 21 16.98 40.12 21.33
CA GLY F 21 18.15 40.97 21.63
C GLY F 21 19.50 40.25 21.55
N LYS F 22 19.62 39.16 20.77
CA LYS F 22 20.82 38.29 20.70
C LYS F 22 22.09 39.13 20.39
N THR F 23 22.03 40.01 19.39
CA THR F 23 23.15 40.83 18.86
C THR F 23 23.63 41.79 19.94
N THR F 24 22.74 42.37 20.72
CA THR F 24 23.09 43.24 21.87
C THR F 24 23.86 42.40 22.90
N TYR F 25 23.41 41.15 23.16
CA TYR F 25 23.96 40.21 24.16
C TYR F 25 25.37 39.71 23.75
N LEU F 26 25.58 39.42 22.46
CA LEU F 26 26.85 38.91 21.90
C LEU F 26 27.88 40.05 21.82
N ASN F 27 27.44 41.29 21.57
CA ASN F 27 28.26 42.53 21.49
C ASN F 27 28.93 42.87 22.84
N HIS F 28 28.25 42.62 23.97
CA HIS F 28 28.78 42.90 25.34
C HIS F 28 30.03 42.06 25.60
N PHE F 29 30.25 40.96 24.87
CA PHE F 29 31.45 40.07 24.96
C PHE F 29 32.63 40.64 24.13
N GLU F 30 32.40 41.70 23.32
CA GLU F 30 33.43 42.31 22.43
C GLU F 30 34.64 42.75 23.26
N LYS F 31 34.43 43.22 24.50
CA LYS F 31 35.54 43.59 25.42
C LYS F 31 36.48 42.39 25.63
N TYR F 32 36.00 41.16 25.41
CA TYR F 32 36.76 39.89 25.65
C TYR F 32 37.32 39.30 24.33
N LYS F 33 37.37 40.07 23.22
CA LYS F 33 37.66 39.59 21.84
C LYS F 33 39.02 38.88 21.77
N ASP F 34 40.02 39.32 22.54
CA ASP F 34 41.39 38.74 22.54
C ASP F 34 41.34 37.33 23.13
N ASP F 35 40.35 37.02 23.98
CA ASP F 35 40.31 35.76 24.78
C ASP F 35 39.18 34.86 24.31
N ILE F 36 38.21 35.43 23.57
CA ILE F 36 36.96 34.75 23.11
C ILE F 36 36.88 34.84 21.57
N CYS F 37 36.58 33.72 20.92
CA CYS F 37 36.15 33.65 19.50
C CYS F 37 34.65 34.02 19.42
N LEU F 38 34.37 35.24 18.97
CA LEU F 38 33.00 35.78 18.84
C LEU F 38 32.52 35.66 17.37
N LEU F 39 31.59 34.72 17.16
CA LEU F 39 30.99 34.32 15.87
C LEU F 39 29.52 34.73 15.85
N THR F 40 29.20 35.88 15.26
CA THR F 40 27.81 36.38 15.09
C THR F 40 27.21 35.69 13.85
N GLU F 41 25.88 35.72 13.73
CA GLU F 41 25.14 34.92 12.71
C GLU F 41 25.50 35.52 11.35
N PRO F 42 25.89 34.68 10.37
CA PRO F 42 26.48 35.18 9.13
C PRO F 42 25.35 35.53 8.16
N VAL F 43 24.65 36.64 8.44
CA VAL F 43 23.47 37.14 7.67
C VAL F 43 23.96 37.65 6.32
N GLU F 44 25.17 38.25 6.32
CA GLU F 44 25.81 38.82 5.12
C GLU F 44 26.22 37.70 4.17
N LYS F 45 26.56 36.51 4.68
CA LYS F 45 26.81 35.31 3.84
C LYS F 45 25.47 34.85 3.22
N TRP F 46 24.35 35.01 3.94
CA TRP F 46 23.00 34.60 3.49
C TRP F 46 22.46 35.57 2.43
N ARG F 47 23.06 36.77 2.33
CA ARG F 47 22.61 37.90 1.47
C ARG F 47 23.39 37.96 0.13
N ASN F 48 24.46 37.17 -0.03
CA ASN F 48 25.39 37.22 -1.19
C ASN F 48 26.09 35.86 -1.39
N VAL F 49 25.42 34.89 -2.05
CA VAL F 49 25.90 33.49 -2.30
C VAL F 49 26.46 33.38 -3.72
N ASN F 50 27.74 33.74 -3.90
CA ASN F 50 28.39 33.92 -5.22
C ASN F 50 27.43 34.71 -6.14
N GLY F 51 26.80 35.76 -5.59
CA GLY F 51 25.98 36.72 -6.35
C GLY F 51 24.51 36.67 -6.00
N VAL F 52 24.07 35.77 -5.10
CA VAL F 52 22.61 35.49 -4.83
C VAL F 52 22.24 35.78 -3.36
N ASN F 53 21.17 36.57 -3.16
CA ASN F 53 20.55 36.85 -1.84
C ASN F 53 19.46 35.81 -1.54
N LEU F 54 19.79 34.84 -0.69
CA LEU F 54 18.94 33.69 -0.27
C LEU F 54 17.94 34.09 0.81
N LEU F 55 18.27 35.10 1.63
CA LEU F 55 17.39 35.59 2.74
C LEU F 55 16.17 36.29 2.13
N GLU F 56 16.39 37.08 1.08
CA GLU F 56 15.34 37.89 0.36
C GLU F 56 14.35 36.90 -0.25
N LEU F 57 14.89 35.98 -1.06
CA LEU F 57 14.13 35.00 -1.87
C LEU F 57 13.21 34.17 -0.96
N MET F 58 13.66 33.88 0.27
CA MET F 58 12.97 32.90 1.16
C MET F 58 11.89 33.61 1.98
N TYR F 59 12.00 34.94 2.11
CA TYR F 59 11.00 35.80 2.81
C TYR F 59 10.00 36.37 1.78
N LYS F 60 10.40 36.55 0.52
CA LYS F 60 9.50 36.93 -0.60
C LYS F 60 9.21 35.70 -1.46
N ASP F 61 8.68 34.63 -0.86
CA ASP F 61 8.32 33.31 -1.46
C ASP F 61 9.16 32.22 -0.77
N PRO F 62 8.74 31.71 0.41
CA PRO F 62 9.43 30.58 1.05
C PRO F 62 9.30 29.20 0.37
N LYS F 63 8.13 28.82 -0.17
CA LYS F 63 7.81 27.43 -0.67
C LYS F 63 8.85 26.96 -1.72
N LYS F 64 9.43 27.90 -2.49
CA LYS F 64 10.47 27.64 -3.51
C LYS F 64 11.82 27.48 -2.81
N TRP F 65 12.14 28.47 -1.97
CA TRP F 65 13.51 28.79 -1.50
C TRP F 65 13.81 28.24 -0.09
N ALA F 66 12.90 27.53 0.58
CA ALA F 66 13.14 27.00 1.95
C ALA F 66 14.34 26.02 1.93
N MET F 67 14.28 24.98 1.08
CA MET F 67 15.30 23.92 0.93
C MET F 67 16.66 24.55 0.70
N PRO F 68 16.87 25.30 -0.41
CA PRO F 68 18.17 25.93 -0.64
C PRO F 68 18.62 26.75 0.58
N PHE F 69 17.71 27.56 1.15
CA PHE F 69 18.00 28.54 2.22
C PHE F 69 18.54 27.81 3.44
N VAL F 70 17.77 26.84 3.96
CA VAL F 70 18.13 26.17 5.24
C VAL F 70 19.40 25.34 5.00
N SER F 71 19.56 24.77 3.80
CA SER F 71 20.75 23.95 3.47
C SER F 71 21.98 24.86 3.54
N TYR F 72 21.93 26.06 2.98
CA TYR F 72 23.08 27.00 2.98
C TYR F 72 23.34 27.47 4.41
N VAL F 73 22.26 27.90 5.08
CA VAL F 73 22.31 28.34 6.50
C VAL F 73 22.98 27.24 7.33
N THR F 74 22.56 25.99 7.19
CA THR F 74 23.18 24.81 7.86
C THR F 74 24.69 24.84 7.63
N LEU F 75 25.11 25.08 6.39
CA LEU F 75 26.54 25.08 6.04
C LEU F 75 27.24 26.18 6.81
N THR F 76 26.64 27.36 6.86
CA THR F 76 27.31 28.56 7.45
C THR F 76 27.49 28.34 8.95
N MET F 77 26.56 27.57 9.55
CA MET F 77 26.61 27.17 10.98
C MET F 77 27.67 26.07 11.16
N LEU F 78 27.72 25.08 10.29
CA LEU F 78 28.80 24.06 10.37
C LEU F 78 30.19 24.73 10.36
N GLN F 79 30.41 25.73 9.52
CA GLN F 79 31.72 26.42 9.37
C GLN F 79 32.12 27.08 10.70
N MET F 80 31.21 27.89 11.28
CA MET F 80 31.29 28.47 12.66
C MET F 80 31.57 27.39 13.72
N HIS F 81 30.82 26.28 13.72
CA HIS F 81 31.01 25.16 14.68
C HIS F 81 32.45 24.66 14.60
N THR F 82 32.96 24.45 13.38
CA THR F 82 34.24 23.75 13.10
C THR F 82 35.42 24.73 13.02
N GLN F 83 35.16 26.04 13.00
CA GLN F 83 36.23 27.07 12.92
C GLN F 83 37.23 26.81 14.06
N PRO F 84 38.52 26.47 13.74
CA PRO F 84 39.56 26.36 14.76
C PRO F 84 39.86 27.72 15.40
N THR F 85 40.38 27.70 16.62
CA THR F 85 40.80 28.94 17.33
C THR F 85 41.86 28.59 18.37
N ASN F 86 42.72 29.53 18.76
CA ASN F 86 43.67 29.32 19.90
C ASN F 86 43.03 29.85 21.19
N LYS F 87 41.84 30.42 21.12
CA LYS F 87 41.14 30.97 22.31
C LYS F 87 40.46 29.82 23.03
N LYS F 88 40.29 29.95 24.34
CA LYS F 88 39.80 28.82 25.20
C LYS F 88 38.26 28.76 25.15
N VAL F 89 37.62 29.85 24.67
CA VAL F 89 36.14 30.04 24.65
C VAL F 89 35.69 30.42 23.24
N LYS F 90 34.72 29.68 22.70
CA LYS F 90 33.92 30.08 21.51
C LYS F 90 32.46 30.39 21.90
N ILE F 91 31.96 31.51 21.38
CA ILE F 91 30.60 32.02 21.63
C ILE F 91 29.95 32.27 20.26
N MET F 92 28.95 31.42 19.96
CA MET F 92 28.21 31.37 18.67
C MET F 92 26.80 31.94 18.82
N GLU F 93 26.43 32.86 17.93
CA GLU F 93 25.03 33.32 17.71
C GLU F 93 24.28 32.19 16.95
N ARG F 94 23.44 31.43 17.65
CA ARG F 94 22.61 30.34 17.10
C ARG F 94 23.53 29.18 16.70
N SER F 95 22.97 28.10 16.13
CA SER F 95 23.64 26.80 15.99
C SER F 95 23.01 25.96 14.87
N ILE F 96 23.65 24.88 14.45
CA ILE F 96 22.95 23.86 13.62
C ILE F 96 21.72 23.35 14.38
N PHE F 97 21.73 23.34 15.71
CA PHE F 97 20.68 22.70 16.54
C PHE F 97 19.39 23.51 16.38
N SER F 98 19.49 24.84 16.40
CA SER F 98 18.32 25.73 16.19
C SER F 98 17.93 25.69 14.70
N ALA F 99 18.88 25.46 13.81
CA ALA F 99 18.60 25.29 12.37
C ALA F 99 17.68 24.09 12.22
N ARG F 100 18.02 22.98 12.87
CA ARG F 100 17.31 21.68 12.77
C ARG F 100 15.97 21.71 13.53
N TYR F 101 16.04 21.85 14.86
CA TYR F 101 14.93 21.65 15.84
C TYR F 101 13.94 22.83 15.88
N CYS F 102 14.28 24.01 15.36
CA CYS F 102 13.33 25.15 15.36
C CYS F 102 12.93 25.51 13.93
N PHE F 103 13.86 25.97 13.08
CA PHE F 103 13.51 26.67 11.82
C PHE F 103 13.12 25.64 10.77
N VAL F 104 13.89 24.56 10.64
CA VAL F 104 13.58 23.52 9.63
C VAL F 104 12.27 22.86 10.05
N GLU F 105 12.09 22.58 11.35
CA GLU F 105 10.84 21.97 11.88
C GLU F 105 9.63 22.89 11.55
N ASN F 106 9.75 24.21 11.74
CA ASN F 106 8.65 25.21 11.55
C ASN F 106 8.27 25.24 10.08
N MET F 107 9.28 25.30 9.21
CA MET F 107 9.12 25.27 7.74
C MET F 107 8.42 23.98 7.31
N ARG F 108 8.60 22.86 8.01
CA ARG F 108 7.91 21.57 7.71
C ARG F 108 6.42 21.71 8.02
N ARG F 109 6.10 22.16 9.24
CA ARG F 109 4.72 22.48 9.72
C ARG F 109 4.02 23.47 8.78
N ASN F 110 4.62 24.61 8.42
CA ASN F 110 4.00 25.64 7.53
C ASN F 110 3.88 25.10 6.09
N GLY F 111 4.42 23.91 5.81
CA GLY F 111 4.41 23.25 4.49
C GLY F 111 5.28 23.97 3.46
N TRP F 112 6.27 24.77 3.89
CA TRP F 112 7.33 25.37 3.04
C TRP F 112 8.34 24.28 2.63
N LEU F 113 8.47 23.23 3.46
CA LEU F 113 9.16 21.96 3.13
C LEU F 113 8.11 20.85 3.09
N GLU F 114 7.98 20.17 1.94
CA GLU F 114 7.12 18.98 1.77
C GLU F 114 7.90 17.78 2.28
N GLN F 115 7.23 16.66 2.55
CA GLN F 115 7.81 15.50 3.28
C GLN F 115 9.17 15.13 2.67
N GLY F 116 9.22 14.99 1.34
CA GLY F 116 10.45 14.66 0.59
C GLY F 116 11.62 15.51 1.05
N MET F 117 11.44 16.83 1.03
CA MET F 117 12.51 17.83 1.29
C MET F 117 12.96 17.73 2.74
N TYR F 118 12.00 17.64 3.67
CA TYR F 118 12.24 17.51 5.15
C TYR F 118 13.07 16.25 5.42
N ASN F 119 12.69 15.08 4.88
CA ASN F 119 13.34 13.78 5.15
C ASN F 119 14.83 13.88 4.76
N THR F 120 15.12 14.22 3.50
CA THR F 120 16.49 14.57 2.97
C THR F 120 17.26 15.37 4.05
N LEU F 121 16.77 16.55 4.44
CA LEU F 121 17.37 17.37 5.52
C LEU F 121 17.62 16.52 6.77
N GLU F 122 16.67 15.69 7.16
CA GLU F 122 16.83 14.86 8.39
C GLU F 122 17.94 13.82 8.18
N GLU F 123 18.08 13.27 6.96
CA GLU F 123 19.13 12.24 6.69
C GLU F 123 20.50 12.90 6.74
N TRP F 124 20.59 14.13 6.22
CA TRP F 124 21.79 15.00 6.27
C TRP F 124 22.20 15.32 7.72
N TYR F 125 21.28 15.77 8.59
CA TYR F 125 21.56 16.12 10.02
C TYR F 125 22.08 14.90 10.78
N LYS F 126 21.54 13.71 10.49
CA LYS F 126 21.96 12.40 11.07
C LYS F 126 23.37 12.06 10.57
N PHE F 127 23.66 12.27 9.29
CA PHE F 127 25.03 12.02 8.76
C PHE F 127 26.01 13.05 9.35
N ILE F 128 25.53 14.28 9.63
CA ILE F 128 26.41 15.39 10.12
C ILE F 128 26.80 15.03 11.55
N GLU F 129 25.79 14.72 12.35
CA GLU F 129 25.94 14.21 13.74
C GLU F 129 27.08 13.16 13.73
N GLU F 130 27.03 12.18 12.82
CA GLU F 130 27.99 11.04 12.78
C GLU F 130 29.40 11.45 12.27
N SER F 131 29.56 12.50 11.46
CA SER F 131 30.78 12.77 10.64
C SER F 131 31.50 14.05 11.02
N ILE F 132 30.82 14.97 11.69
CA ILE F 132 31.36 16.31 12.04
C ILE F 132 31.27 16.44 13.56
N HIS F 133 32.42 16.76 14.18
CA HIS F 133 32.54 17.08 15.62
C HIS F 133 32.00 18.51 15.84
N ILE F 134 31.05 18.60 16.78
CA ILE F 134 30.32 19.84 17.15
C ILE F 134 30.42 20.04 18.66
N GLN F 135 31.39 20.84 19.09
CA GLN F 135 31.55 21.25 20.52
C GLN F 135 30.35 22.12 20.93
N ALA F 136 29.60 21.66 21.92
CA ALA F 136 28.44 22.38 22.51
C ALA F 136 28.49 22.18 24.02
N ASP F 137 28.94 23.19 24.77
CA ASP F 137 29.24 23.05 26.23
C ASP F 137 28.22 23.81 27.08
N LEU F 138 27.61 24.84 26.53
CA LEU F 138 26.61 25.68 27.24
C LEU F 138 25.67 26.30 26.21
N ILE F 139 24.39 26.38 26.55
CA ILE F 139 23.38 27.18 25.80
C ILE F 139 22.90 28.28 26.74
N ILE F 140 23.01 29.52 26.31
CA ILE F 140 22.29 30.68 26.89
C ILE F 140 21.00 30.92 26.05
N TYR F 141 19.84 30.60 26.62
CA TYR F 141 18.50 30.85 26.04
C TYR F 141 18.01 32.25 26.42
N LEU F 142 18.02 33.20 25.49
CA LEU F 142 17.39 34.57 25.64
C LEU F 142 15.87 34.40 25.46
N ARG F 143 15.18 33.77 26.42
CA ARG F 143 13.72 33.47 26.40
C ARG F 143 12.92 34.76 26.42
N THR F 144 11.90 34.86 25.57
CA THR F 144 11.02 36.05 25.35
C THR F 144 9.57 35.60 25.17
N SER F 145 8.63 36.52 25.46
CA SER F 145 7.22 36.46 25.02
C SER F 145 7.21 36.88 23.55
N PRO F 146 6.47 36.15 22.70
CA PRO F 146 6.40 36.50 21.27
C PRO F 146 6.04 37.98 21.05
N GLU F 147 5.06 38.46 21.83
CA GLU F 147 4.56 39.87 21.86
C GLU F 147 5.77 40.81 21.86
N VAL F 148 6.65 40.67 22.86
CA VAL F 148 7.84 41.55 23.10
C VAL F 148 8.81 41.40 21.92
N ALA F 149 8.98 40.16 21.42
CA ALA F 149 9.78 39.83 20.21
C ALA F 149 9.23 40.58 18.99
N TYR F 150 7.90 40.57 18.82
CA TYR F 150 7.22 41.26 17.68
C TYR F 150 7.51 42.77 17.75
N GLU F 151 7.20 43.42 18.89
CA GLU F 151 7.44 44.88 19.12
C GLU F 151 8.88 45.22 18.74
N ARG F 152 9.86 44.43 19.21
CA ARG F 152 11.31 44.61 18.98
C ARG F 152 11.62 44.54 17.47
N ILE F 153 11.01 43.59 16.75
CA ILE F 153 11.13 43.46 15.26
C ILE F 153 10.61 44.77 14.62
N ARG F 154 9.39 45.19 14.98
CA ARG F 154 8.71 46.42 14.48
C ARG F 154 9.59 47.66 14.70
N LYS F 155 10.08 47.87 15.92
CA LYS F 155 10.93 49.03 16.33
C LYS F 155 12.24 49.04 15.52
N ARG F 156 12.77 47.85 15.15
CA ARG F 156 13.86 47.71 14.16
C ARG F 156 13.25 47.87 12.76
N GLY F 157 14.09 48.12 11.74
CA GLY F 157 13.65 48.28 10.33
C GLY F 157 14.16 47.18 9.42
N ARG F 158 14.44 45.98 9.95
CA ARG F 158 15.03 44.83 9.21
C ARG F 158 14.23 44.58 7.92
N PRO F 159 14.73 45.00 6.73
CA PRO F 159 13.95 44.90 5.48
C PRO F 159 13.21 43.58 5.26
N GLU F 160 13.92 42.46 5.37
CA GLU F 160 13.39 41.10 5.07
C GLU F 160 12.28 40.72 6.06
N GLU F 161 12.25 41.30 7.28
CA GLU F 161 11.34 40.89 8.39
C GLU F 161 10.00 41.64 8.31
N LYS F 162 9.94 42.74 7.55
CA LYS F 162 8.71 43.54 7.32
C LYS F 162 7.66 42.67 6.59
N VAL F 164 7.05 39.54 8.73
CA VAL F 164 6.76 38.32 9.56
C VAL F 164 5.64 38.64 10.55
N PRO F 165 4.63 37.76 10.68
CA PRO F 165 3.55 37.94 11.66
C PRO F 165 3.84 37.33 13.04
N LEU F 166 3.04 37.74 14.03
CA LEU F 166 3.05 37.25 15.44
C LEU F 166 2.83 35.73 15.49
N GLU F 167 2.11 35.17 14.50
CA GLU F 167 1.87 33.70 14.41
C GLU F 167 3.21 33.00 14.16
N TYR F 168 4.05 33.58 13.29
CA TYR F 168 5.43 33.08 12.99
C TYR F 168 6.23 33.03 14.31
N LEU F 169 6.43 34.17 14.98
CA LEU F 169 7.20 34.28 16.26
C LEU F 169 6.63 33.31 17.31
N GLN F 170 5.31 33.10 17.36
CA GLN F 170 4.67 32.20 18.36
C GLN F 170 4.99 30.73 18.03
N GLN F 171 5.06 30.38 16.74
CA GLN F 171 5.51 29.03 16.30
C GLN F 171 6.97 28.82 16.77
N LEU F 172 7.87 29.80 16.52
CA LEU F 172 9.33 29.70 16.84
C LEU F 172 9.55 29.61 18.36
N HIS F 173 8.75 30.31 19.17
CA HIS F 173 8.79 30.28 20.66
C HIS F 173 8.55 28.85 21.17
N GLN F 174 7.46 28.21 20.76
CA GLN F 174 7.01 26.93 21.36
C GLN F 174 8.04 25.85 21.05
N LEU F 175 8.57 25.86 19.81
CA LEU F 175 9.68 24.97 19.33
C LEU F 175 10.93 25.18 20.22
N HIS F 176 11.41 26.44 20.35
CA HIS F 176 12.46 26.85 21.34
C HIS F 176 12.11 26.31 22.74
N GLU F 177 10.84 26.38 23.16
CA GLU F 177 10.40 25.90 24.50
C GLU F 177 10.53 24.39 24.56
N ASP F 178 10.15 23.67 23.49
CA ASP F 178 10.08 22.18 23.46
C ASP F 178 11.51 21.63 23.54
N TRP F 179 12.43 22.35 22.91
CA TRP F 179 13.86 21.97 22.76
C TRP F 179 14.63 22.24 24.06
N LEU F 180 14.43 23.43 24.63
CA LEU F 180 15.31 24.05 25.65
C LEU F 180 14.72 23.89 27.07
N ILE F 181 13.41 24.00 27.23
CA ILE F 181 12.70 23.89 28.55
C ILE F 181 12.21 22.45 28.73
N HIS F 182 11.46 21.95 27.74
CA HIS F 182 10.72 20.66 27.80
C HIS F 182 11.67 19.51 27.42
N GLN F 183 12.87 19.82 26.90
CA GLN F 183 13.85 18.81 26.40
C GLN F 183 13.27 18.14 25.13
N SER F 188 21.87 16.81 24.94
CA SER F 188 23.23 16.71 25.52
C SER F 188 23.87 18.11 25.51
N CYS F 189 23.54 18.93 26.52
CA CYS F 189 24.03 20.33 26.72
C CYS F 189 23.13 21.06 27.72
N LYS F 190 23.71 21.56 28.82
CA LYS F 190 23.02 22.41 29.83
C LYS F 190 22.61 23.74 29.22
N VAL F 191 21.52 24.28 29.79
CA VAL F 191 20.77 25.48 29.34
C VAL F 191 20.63 26.45 30.52
N LEU F 192 21.15 27.68 30.37
CA LEU F 192 20.86 28.85 31.22
C LEU F 192 19.89 29.81 30.51
N VAL F 193 18.88 30.25 31.26
CA VAL F 193 17.75 31.08 30.78
C VAL F 193 17.92 32.49 31.33
N LEU F 194 17.93 33.47 30.44
CA LEU F 194 17.81 34.92 30.73
C LEU F 194 16.40 35.36 30.37
N ASP F 195 15.78 36.20 31.19
CA ASP F 195 14.50 36.86 30.84
C ASP F 195 14.81 38.01 29.86
N ALA F 196 14.70 37.74 28.56
CA ALA F 196 15.15 38.62 27.44
C ALA F 196 14.02 39.59 27.07
N ASP F 197 12.90 39.49 27.77
CA ASP F 197 11.87 40.57 27.81
C ASP F 197 12.51 41.84 28.37
N LEU F 198 13.42 41.73 29.35
CA LEU F 198 14.22 42.87 29.89
C LEU F 198 15.27 43.34 28.86
N ASN F 199 15.81 44.54 29.07
CA ASN F 199 16.95 45.14 28.32
C ASN F 199 18.27 44.62 28.92
N LEU F 200 19.17 44.06 28.09
CA LEU F 200 20.33 43.27 28.58
C LEU F 200 21.63 44.07 28.41
N GLU F 201 21.55 45.33 28.00
CA GLU F 201 22.71 46.19 27.62
C GLU F 201 23.84 46.10 28.66
N ASN F 202 23.47 45.94 29.95
CA ASN F 202 24.31 46.12 31.17
C ASN F 202 24.71 44.78 31.80
N ILE F 203 24.16 43.65 31.35
CA ILE F 203 24.35 42.34 32.02
C ILE F 203 25.86 42.10 32.20
N GLY F 204 26.26 41.55 33.35
CA GLY F 204 27.65 41.08 33.55
C GLY F 204 28.61 42.20 33.92
N THR F 205 28.14 43.45 34.02
CA THR F 205 29.01 44.65 34.21
C THR F 205 29.52 44.73 35.66
N GLU F 206 29.05 43.87 36.57
CA GLU F 206 29.67 43.67 37.92
C GLU F 206 31.09 43.11 37.72
N TYR F 207 31.26 42.19 36.76
CA TYR F 207 32.59 41.70 36.29
C TYR F 207 33.23 42.79 35.44
N GLN F 208 34.44 43.18 35.83
CA GLN F 208 35.35 44.06 35.06
C GLN F 208 36.71 43.36 34.87
N ARG F 209 37.29 43.50 33.68
CA ARG F 209 38.67 43.10 33.33
C ARG F 209 39.68 43.81 34.25
N SER F 210 40.61 43.06 34.88
CA SER F 210 41.73 43.67 35.66
C SER F 210 42.47 44.75 34.84
N GLU F 211 42.61 44.57 33.51
CA GLU F 211 43.36 45.48 32.60
C GLU F 211 42.63 46.82 32.44
N SER F 212 41.31 46.85 32.64
CA SER F 212 40.47 48.07 32.54
C SER F 212 41.14 49.25 33.25
N SER F 213 40.98 50.49 32.76
CA SER F 213 41.58 51.72 33.34
C SER F 213 40.88 52.10 34.65
N ILE F 214 39.77 51.43 34.95
CA ILE F 214 39.12 51.48 36.28
C ILE F 214 40.18 51.12 37.35
N PHE F 215 41.14 50.23 37.03
CA PHE F 215 42.12 49.66 37.99
C PHE F 215 43.52 50.24 37.80
N ASP F 216 43.64 51.36 37.08
CA ASP F 216 44.93 52.09 36.98
C ASP F 216 45.16 52.94 38.24
N ALA F 217 46.40 53.25 38.58
CA ALA F 217 46.78 53.89 39.86
C ALA F 217 46.13 55.27 40.00
#